data_7A3S
#
_entry.id   7A3S
#
_cell.length_a   142.030
_cell.length_b   142.030
_cell.length_c   159.588
_cell.angle_alpha   90.000
_cell.angle_beta   90.000
_cell.angle_gamma   120.000
#
_symmetry.space_group_name_H-M   'P 31 2 1'
#
loop_
_entity.id
_entity.type
_entity.pdbx_description
1 polymer 'Genome polyprotein'
2 non-polymer 'SULFATE ION'
3 non-polymer 2-acetamido-2-deoxy-beta-D-glucopyranose
4 water water
#
_entity_poly.entity_id   1
_entity_poly.type   'polypeptide(L)'
_entity_poly.pdbx_seq_one_letter_code
;MRCVGVGNRDFVEGLSGATWVDVVLEHGGCVTTMAKNKPTLDIELQKTEATQLATLRKLCIEGKITNITTDSRCPTQGEA
ILPEEQDQNYVCKHTYVDRGWGNGCGLFGKGSLVTCAKFQCLESIEGKVVQHENLKYTVIITVHTGDQHQVGNETQGVTA
EITSQASTAEAILPEYGTLGLECSPRTGLDFNEMILLTMKNKAWMVHRQWFFDLPLPWTSGATTKTPTWNRKELLVTFKN
AHAKKQEVVVLGSQEGAMHTALTGATEIQTSGGTSIFAGHLKCRLKMDKLKLKGMSYAMCLNTFVLKKEVSETQHGTILI
KVEYKGEDAPCKIPFSTEDGQGKAHNGRLITANPVVTKKEEPVNIEAEPPFGESNIVIGIGDKALKINWYRKGF
;
_entity_poly.pdbx_strand_id   A,B,C
#
# COMPACT_ATOMS: atom_id res chain seq x y z
N MET A 1 -34.07 -45.88 -14.84
CA MET A 1 -35.36 -45.33 -15.23
C MET A 1 -35.62 -44.02 -14.52
N ARG A 2 -34.60 -43.16 -14.50
CA ARG A 2 -34.74 -41.85 -13.88
C ARG A 2 -35.48 -40.86 -14.78
N CYS A 3 -35.30 -40.98 -16.11
CA CYS A 3 -35.95 -40.07 -17.05
C CYS A 3 -37.38 -40.45 -17.36
N VAL A 4 -37.83 -41.64 -16.97
CA VAL A 4 -39.21 -42.05 -17.25
C VAL A 4 -40.15 -41.12 -16.49
N GLY A 5 -40.87 -40.29 -17.23
CA GLY A 5 -41.72 -39.27 -16.65
C GLY A 5 -41.25 -37.86 -16.90
N VAL A 6 -40.03 -37.68 -17.36
CA VAL A 6 -39.50 -36.36 -17.68
C VAL A 6 -39.90 -36.03 -19.11
N GLY A 7 -40.44 -34.82 -19.31
CA GLY A 7 -40.92 -34.45 -20.62
C GLY A 7 -39.80 -34.17 -21.60
N ASN A 8 -38.78 -33.43 -21.15
CA ASN A 8 -37.62 -33.13 -22.00
C ASN A 8 -36.63 -34.28 -21.90
N ARG A 9 -36.95 -35.35 -22.64
CA ARG A 9 -36.18 -36.59 -22.62
C ARG A 9 -35.72 -36.93 -24.03
N ASP A 10 -34.43 -37.22 -24.17
CA ASP A 10 -33.84 -37.57 -25.45
C ASP A 10 -33.40 -39.03 -25.44
N PHE A 11 -33.57 -39.68 -26.58
CA PHE A 11 -33.11 -41.05 -26.76
C PHE A 11 -31.96 -41.04 -27.76
N VAL A 12 -30.81 -41.56 -27.36
CA VAL A 12 -29.62 -41.62 -28.19
C VAL A 12 -29.16 -43.06 -28.26
N GLU A 13 -28.89 -43.55 -29.46
CA GLU A 13 -28.42 -44.91 -29.67
C GLU A 13 -27.07 -44.86 -30.37
N GLY A 14 -26.12 -45.63 -29.85
CA GLY A 14 -24.77 -45.63 -30.42
C GLY A 14 -24.73 -46.23 -31.81
N LEU A 15 -23.70 -45.83 -32.55
CA LEU A 15 -23.51 -46.31 -33.91
C LEU A 15 -23.26 -47.81 -33.93
N SER A 16 -23.47 -48.41 -35.10
CA SER A 16 -23.36 -49.85 -35.25
C SER A 16 -21.97 -50.33 -34.85
N GLY A 17 -21.90 -51.17 -33.81
CA GLY A 17 -20.67 -51.75 -33.35
C GLY A 17 -19.92 -50.94 -32.31
N ALA A 18 -20.06 -49.61 -32.33
CA ALA A 18 -19.33 -48.76 -31.40
C ALA A 18 -19.78 -48.99 -29.97
N THR A 19 -18.83 -48.91 -29.04
CA THR A 19 -19.09 -49.02 -27.62
C THR A 19 -19.11 -47.65 -26.94
N TRP A 20 -19.10 -46.57 -27.72
CA TRP A 20 -19.14 -45.21 -27.22
C TRP A 20 -20.40 -44.52 -27.73
N VAL A 21 -20.96 -43.63 -26.91
CA VAL A 21 -22.14 -42.86 -27.28
C VAL A 21 -21.91 -41.40 -26.91
N ASP A 22 -22.08 -40.51 -27.88
CA ASP A 22 -21.93 -39.08 -27.64
C ASP A 22 -23.27 -38.48 -27.23
N VAL A 23 -23.27 -37.68 -26.16
CA VAL A 23 -24.49 -37.09 -25.63
C VAL A 23 -24.25 -35.64 -25.27
N VAL A 24 -25.34 -34.87 -25.25
CA VAL A 24 -25.34 -33.47 -24.85
C VAL A 24 -26.34 -33.32 -23.70
N LEU A 25 -25.81 -33.08 -22.51
CA LEU A 25 -26.62 -32.90 -21.32
C LEU A 25 -26.88 -31.41 -21.11
N GLU A 26 -28.13 -31.07 -20.80
CA GLU A 26 -28.44 -29.68 -20.47
C GLU A 26 -29.41 -29.65 -19.30
N HIS A 27 -29.40 -28.51 -18.61
CA HIS A 27 -30.20 -28.36 -17.40
C HIS A 27 -31.68 -28.62 -17.69
N GLY A 28 -32.32 -29.34 -16.79
CA GLY A 28 -33.72 -29.70 -16.96
C GLY A 28 -33.99 -30.75 -18.00
N GLY A 29 -32.95 -31.42 -18.49
CA GLY A 29 -33.11 -32.42 -19.52
C GLY A 29 -32.54 -33.76 -19.10
N CYS A 30 -33.03 -34.82 -19.74
CA CYS A 30 -32.60 -36.17 -19.44
C CYS A 30 -32.32 -36.88 -20.76
N VAL A 31 -31.25 -37.66 -20.81
CA VAL A 31 -30.91 -38.41 -22.02
C VAL A 31 -30.86 -39.90 -21.68
N THR A 32 -31.47 -40.71 -22.53
CA THR A 32 -31.43 -42.16 -22.39
C THR A 32 -30.55 -42.72 -23.49
N THR A 33 -29.55 -43.50 -23.10
CA THR A 33 -28.59 -44.07 -24.04
C THR A 33 -28.78 -45.58 -24.11
N MET A 34 -28.70 -46.09 -25.33
CA MET A 34 -28.82 -47.51 -25.62
C MET A 34 -27.68 -47.95 -26.51
N ALA A 35 -27.16 -49.15 -26.26
CA ALA A 35 -26.13 -49.74 -27.09
C ALA A 35 -26.31 -51.25 -27.06
N LYS A 36 -25.93 -51.90 -28.16
CA LYS A 36 -26.10 -53.34 -28.26
C LYS A 36 -25.31 -54.04 -27.17
N ASN A 37 -25.97 -54.97 -26.46
CA ASN A 37 -25.36 -55.74 -25.39
C ASN A 37 -24.83 -54.85 -24.27
N LYS A 38 -25.41 -53.67 -24.12
CA LYS A 38 -24.98 -52.76 -23.07
C LYS A 38 -26.18 -52.30 -22.26
N PRO A 39 -25.96 -51.98 -20.99
CA PRO A 39 -27.09 -51.52 -20.15
C PRO A 39 -27.63 -50.19 -20.65
N THR A 40 -28.95 -50.08 -20.63
CA THR A 40 -29.59 -48.80 -20.96
C THR A 40 -29.38 -47.81 -19.83
N LEU A 41 -28.88 -46.63 -20.17
CA LEU A 41 -28.53 -45.65 -19.15
C LEU A 41 -29.43 -44.42 -19.24
N ASP A 42 -29.66 -43.81 -18.09
CA ASP A 42 -30.39 -42.55 -17.97
C ASP A 42 -29.41 -41.56 -17.35
N ILE A 43 -28.89 -40.66 -18.18
CA ILE A 43 -27.90 -39.68 -17.78
C ILE A 43 -28.54 -38.31 -17.70
N GLU A 44 -28.11 -37.52 -16.72
CA GLU A 44 -28.68 -36.20 -16.47
C GLU A 44 -27.63 -35.30 -15.86
N LEU A 45 -27.62 -34.04 -16.28
CA LEU A 45 -26.76 -33.02 -15.67
C LEU A 45 -27.52 -32.41 -14.49
N GLN A 46 -27.08 -32.76 -13.27
CA GLN A 46 -27.81 -32.35 -12.07
C GLN A 46 -27.62 -30.87 -11.77
N LYS A 47 -26.37 -30.42 -11.73
CA LYS A 47 -26.08 -29.05 -11.32
C LYS A 47 -24.75 -28.62 -11.91
N THR A 48 -24.60 -27.31 -12.10
CA THR A 48 -23.35 -26.69 -12.50
C THR A 48 -23.01 -25.64 -11.46
N GLU A 49 -21.81 -25.76 -10.87
CA GLU A 49 -21.46 -24.94 -9.71
C GLU A 49 -20.13 -24.22 -9.92
N ALA A 50 -20.00 -23.10 -9.22
CA ALA A 50 -18.74 -22.37 -9.10
C ALA A 50 -18.23 -22.57 -7.68
N THR A 51 -16.96 -22.96 -7.54
CA THR A 51 -16.49 -23.41 -6.23
C THR A 51 -16.06 -22.24 -5.34
N GLN A 52 -15.28 -21.30 -5.87
CA GLN A 52 -14.80 -20.17 -5.07
C GLN A 52 -14.80 -18.90 -5.91
N LEU A 53 -15.30 -17.83 -5.31
CA LEU A 53 -15.63 -16.60 -6.00
C LEU A 53 -14.98 -15.42 -5.29
N ALA A 54 -14.37 -14.52 -6.06
CA ALA A 54 -13.76 -13.32 -5.51
C ALA A 54 -14.65 -12.13 -5.82
N THR A 55 -14.95 -11.35 -4.78
CA THR A 55 -15.81 -10.17 -4.91
C THR A 55 -15.05 -9.05 -5.59
N LEU A 56 -15.59 -8.54 -6.70
CA LEU A 56 -14.95 -7.49 -7.45
C LEU A 56 -15.30 -6.11 -6.90
N ARG A 57 -16.59 -5.82 -6.76
CA ARG A 57 -17.08 -4.55 -6.25
C ARG A 57 -18.32 -4.79 -5.40
N LYS A 58 -18.56 -3.91 -4.43
CA LYS A 58 -19.70 -4.05 -3.52
C LYS A 58 -20.51 -2.75 -3.51
N LEU A 59 -21.80 -2.86 -3.81
CA LEU A 59 -22.67 -1.71 -4.00
C LEU A 59 -23.70 -1.59 -2.88
N CYS A 60 -23.95 -0.36 -2.43
CA CYS A 60 -24.91 -0.09 -1.37
C CYS A 60 -26.29 0.17 -1.95
N ILE A 61 -27.29 -0.58 -1.50
CA ILE A 61 -28.66 -0.38 -1.94
C ILE A 61 -29.53 0.28 -0.89
N GLU A 62 -29.13 0.30 0.38
CA GLU A 62 -29.87 1.07 1.37
C GLU A 62 -28.90 1.64 2.39
N GLY A 63 -29.01 2.95 2.62
CA GLY A 63 -28.13 3.62 3.55
C GLY A 63 -28.91 4.57 4.45
N LYS A 64 -28.25 5.01 5.51
CA LYS A 64 -28.79 5.97 6.46
C LYS A 64 -27.74 7.03 6.75
N ILE A 65 -28.18 8.12 7.39
CA ILE A 65 -27.37 9.30 7.62
C ILE A 65 -27.37 9.64 9.10
N THR A 66 -26.17 9.89 9.65
CA THR A 66 -26.02 10.24 11.05
C THR A 66 -24.99 11.35 11.20
N ASN A 67 -24.92 11.88 12.42
CA ASN A 67 -23.97 12.92 12.83
C ASN A 67 -23.82 14.03 11.79
N ILE A 68 -24.91 14.76 11.59
CA ILE A 68 -24.94 15.90 10.68
C ILE A 68 -24.29 17.10 11.35
N THR A 69 -23.39 17.76 10.64
CA THR A 69 -22.74 18.97 11.12
C THR A 69 -22.83 20.05 10.04
N THR A 70 -22.71 21.29 10.46
CA THR A 70 -22.83 22.41 9.53
C THR A 70 -22.06 23.60 10.07
N ASP A 71 -21.53 24.41 9.13
CA ASP A 71 -20.83 25.63 9.48
C ASP A 71 -21.21 26.71 8.49
N SER A 72 -21.39 27.93 9.00
CA SER A 72 -21.78 29.08 8.18
C SER A 72 -20.88 30.26 8.48
N ARG A 73 -20.72 31.12 7.49
CA ARG A 73 -19.91 32.32 7.61
C ARG A 73 -20.70 33.52 7.11
N CYS A 74 -20.41 34.69 7.69
CA CYS A 74 -21.01 35.93 7.22
C CYS A 74 -20.35 36.36 5.92
N PRO A 75 -21.00 37.23 5.16
CA PRO A 75 -20.39 37.68 3.89
C PRO A 75 -19.03 38.31 4.11
N THR A 76 -18.17 38.15 3.10
CA THR A 76 -16.79 38.63 3.07
C THR A 76 -15.90 37.98 4.12
N GLN A 77 -16.37 36.93 4.79
CA GLN A 77 -15.56 36.22 5.77
C GLN A 77 -14.91 34.96 5.21
N GLY A 78 -15.08 34.70 3.92
CA GLY A 78 -14.51 33.52 3.30
C GLY A 78 -15.46 32.34 3.33
N GLU A 79 -15.09 31.29 2.61
CA GLU A 79 -15.92 30.09 2.57
C GLU A 79 -15.78 29.30 3.86
N ALA A 80 -16.91 28.77 4.33
CA ALA A 80 -16.89 27.97 5.54
C ALA A 80 -16.25 26.62 5.27
N ILE A 81 -15.63 26.05 6.31
CA ILE A 81 -14.87 24.82 6.17
C ILE A 81 -15.10 23.96 7.40
N LEU A 82 -15.30 22.66 7.18
CA LEU A 82 -15.39 21.71 8.28
C LEU A 82 -14.31 20.64 8.11
N PRO A 83 -13.77 20.12 9.22
CA PRO A 83 -12.82 19.00 9.10
C PRO A 83 -13.44 17.76 8.49
N GLU A 84 -14.74 17.56 8.69
CA GLU A 84 -15.44 16.40 8.13
C GLU A 84 -15.40 16.39 6.60
N GLU A 85 -15.03 17.51 5.97
CA GLU A 85 -14.86 17.51 4.52
C GLU A 85 -13.76 16.55 4.08
N GLN A 86 -12.79 16.30 4.97
CA GLN A 86 -11.70 15.38 4.66
C GLN A 86 -11.90 14.01 5.29
N ASP A 87 -13.05 13.78 5.92
CA ASP A 87 -13.42 12.45 6.39
C ASP A 87 -14.18 11.75 5.26
N GLN A 88 -13.67 10.60 4.83
CA GLN A 88 -14.27 9.86 3.73
C GLN A 88 -15.59 9.21 4.08
N ASN A 89 -15.99 9.22 5.36
CA ASN A 89 -17.31 8.73 5.74
C ASN A 89 -18.41 9.77 5.52
N TYR A 90 -18.05 11.04 5.36
CA TYR A 90 -19.03 12.11 5.27
C TYR A 90 -19.22 12.58 3.84
N VAL A 91 -20.45 12.94 3.51
CA VAL A 91 -20.78 13.62 2.27
C VAL A 91 -21.14 15.06 2.61
N CYS A 92 -20.51 16.01 1.92
CA CYS A 92 -20.64 17.41 2.24
C CYS A 92 -21.09 18.20 1.02
N LYS A 93 -21.72 19.35 1.27
CA LYS A 93 -22.09 20.26 0.20
C LYS A 93 -21.91 21.69 0.67
N HIS A 94 -21.43 22.53 -0.25
CA HIS A 94 -21.27 23.96 -0.05
C HIS A 94 -22.39 24.69 -0.78
N THR A 95 -22.87 25.77 -0.17
CA THR A 95 -23.91 26.60 -0.77
C THR A 95 -23.78 28.02 -0.21
N TYR A 96 -24.64 28.90 -0.70
CA TYR A 96 -24.68 30.29 -0.24
C TYR A 96 -26.09 30.65 0.17
N VAL A 97 -26.20 31.41 1.25
CA VAL A 97 -27.48 31.78 1.82
C VAL A 97 -27.54 33.29 1.98
N ASP A 98 -28.76 33.80 2.13
CA ASP A 98 -28.98 35.23 2.33
C ASP A 98 -28.64 35.58 3.77
N ARG A 99 -27.70 36.51 3.94
CA ARG A 99 -27.29 36.95 5.25
C ARG A 99 -27.45 38.47 5.36
N GLY A 100 -27.80 38.91 6.56
CA GLY A 100 -27.99 40.31 6.84
C GLY A 100 -28.18 40.54 8.32
N TRP A 101 -28.65 41.75 8.66
CA TRP A 101 -28.88 42.08 10.07
C TRP A 101 -29.84 41.10 10.72
N GLY A 102 -30.86 40.68 9.99
CA GLY A 102 -31.89 39.83 10.58
C GLY A 102 -31.40 38.47 11.05
N ASN A 103 -30.36 37.93 10.41
CA ASN A 103 -29.86 36.61 10.75
C ASN A 103 -28.43 36.66 11.30
N GLY A 104 -28.04 37.80 11.87
CA GLY A 104 -26.84 37.87 12.66
C GLY A 104 -25.56 38.23 11.94
N CYS A 105 -25.65 38.96 10.83
CA CYS A 105 -24.46 39.47 10.15
C CYS A 105 -24.59 40.96 9.96
N GLY A 106 -23.48 41.67 10.11
CA GLY A 106 -23.50 43.11 9.92
C GLY A 106 -23.63 43.52 8.47
N LEU A 107 -23.12 42.68 7.56
CA LEU A 107 -23.15 42.97 6.14
C LEU A 107 -24.27 42.18 5.47
N PHE A 108 -24.90 42.80 4.49
CA PHE A 108 -25.92 42.13 3.68
C PHE A 108 -25.26 41.51 2.46
N GLY A 109 -25.55 40.24 2.22
CA GLY A 109 -24.98 39.58 1.06
C GLY A 109 -25.09 38.08 1.20
N LYS A 110 -24.33 37.40 0.34
CA LYS A 110 -24.34 35.94 0.28
C LYS A 110 -23.29 35.40 1.25
N GLY A 111 -23.71 34.56 2.18
CA GLY A 111 -22.83 33.96 3.17
C GLY A 111 -22.66 32.48 2.87
N SER A 112 -21.45 31.98 3.08
CA SER A 112 -21.14 30.58 2.79
C SER A 112 -21.71 29.67 3.87
N LEU A 113 -22.15 28.48 3.43
CA LEU A 113 -22.67 27.48 4.34
C LEU A 113 -22.23 26.12 3.82
N VAL A 114 -21.82 25.24 4.72
CA VAL A 114 -21.39 23.89 4.36
C VAL A 114 -22.02 22.90 5.31
N THR A 115 -22.54 21.80 4.76
CA THR A 115 -23.16 20.74 5.54
C THR A 115 -22.49 19.40 5.25
N CYS A 116 -22.28 18.62 6.29
CA CYS A 116 -21.68 17.29 6.17
C CYS A 116 -22.53 16.28 6.92
N ALA A 117 -22.70 15.11 6.29
CA ALA A 117 -23.49 14.02 6.86
C ALA A 117 -22.67 12.74 6.80
N LYS A 118 -22.55 12.05 7.94
CA LYS A 118 -21.86 10.76 7.95
C LYS A 118 -22.77 9.70 7.33
N PHE A 119 -22.22 8.93 6.41
CA PHE A 119 -22.97 7.95 5.64
C PHE A 119 -22.67 6.54 6.13
N GLN A 120 -23.72 5.76 6.32
CA GLN A 120 -23.61 4.37 6.76
C GLN A 120 -24.52 3.51 5.90
N CYS A 121 -23.97 2.45 5.31
CA CYS A 121 -24.75 1.56 4.46
C CYS A 121 -25.46 0.51 5.32
N LEU A 122 -26.77 0.40 5.13
CA LEU A 122 -27.58 -0.57 5.85
C LEU A 122 -27.66 -1.91 5.14
N GLU A 123 -27.85 -1.90 3.82
CA GLU A 123 -27.90 -3.11 3.02
C GLU A 123 -27.15 -2.92 1.72
N SER A 124 -26.46 -3.98 1.31
CA SER A 124 -25.55 -3.95 0.18
C SER A 124 -25.73 -5.21 -0.65
N ILE A 125 -25.23 -5.15 -1.88
CA ILE A 125 -25.21 -6.30 -2.77
C ILE A 125 -23.77 -6.50 -3.22
N GLU A 126 -23.46 -7.73 -3.61
CA GLU A 126 -22.10 -8.07 -3.98
C GLU A 126 -22.02 -8.45 -5.45
N GLY A 127 -20.88 -8.20 -6.06
CA GLY A 127 -20.65 -8.63 -7.42
C GLY A 127 -19.42 -9.52 -7.47
N LYS A 128 -19.64 -10.83 -7.43
CA LYS A 128 -18.55 -11.78 -7.40
C LYS A 128 -18.24 -12.23 -8.82
N VAL A 129 -16.98 -12.55 -9.05
CA VAL A 129 -16.53 -12.95 -10.38
C VAL A 129 -16.42 -14.46 -10.46
N VAL A 130 -16.80 -15.02 -11.60
CA VAL A 130 -16.74 -16.44 -11.85
C VAL A 130 -15.79 -16.67 -13.01
N GLN A 131 -14.82 -17.54 -12.81
CA GLN A 131 -13.90 -17.97 -13.85
C GLN A 131 -14.12 -19.45 -14.12
N HIS A 132 -14.14 -19.82 -15.41
CA HIS A 132 -14.46 -21.19 -15.79
C HIS A 132 -13.47 -22.21 -15.26
N GLU A 133 -12.28 -21.78 -14.82
CA GLU A 133 -11.33 -22.74 -14.25
C GLU A 133 -11.82 -23.37 -12.95
N ASN A 134 -12.83 -22.78 -12.32
CA ASN A 134 -13.33 -23.28 -11.04
C ASN A 134 -14.70 -23.93 -11.14
N LEU A 135 -15.29 -23.99 -12.33
CA LEU A 135 -16.61 -24.59 -12.50
C LEU A 135 -16.58 -26.09 -12.22
N LYS A 136 -17.64 -26.60 -11.60
CA LYS A 136 -17.79 -28.03 -11.31
C LYS A 136 -19.14 -28.50 -11.84
N TYR A 137 -19.12 -29.48 -12.74
CA TYR A 137 -20.33 -30.08 -13.29
C TYR A 137 -20.58 -31.42 -12.61
N THR A 138 -21.82 -31.66 -12.21
CA THR A 138 -22.21 -32.90 -11.56
C THR A 138 -23.18 -33.65 -12.47
N VAL A 139 -22.81 -34.87 -12.85
CA VAL A 139 -23.60 -35.71 -13.73
C VAL A 139 -24.09 -36.92 -12.94
N ILE A 140 -25.32 -37.34 -13.19
CA ILE A 140 -25.92 -38.47 -12.50
C ILE A 140 -26.33 -39.52 -13.54
N ILE A 141 -25.98 -40.78 -13.27
CA ILE A 141 -26.21 -41.90 -14.16
C ILE A 141 -27.06 -42.93 -13.44
N THR A 142 -28.10 -43.42 -14.12
CA THR A 142 -29.02 -44.40 -13.54
C THR A 142 -29.21 -45.53 -14.54
N VAL A 143 -28.92 -46.75 -14.11
CA VAL A 143 -29.03 -47.90 -15.00
C VAL A 143 -30.49 -48.36 -15.05
N HIS A 144 -30.91 -48.89 -16.20
CA HIS A 144 -32.22 -49.53 -16.33
C HIS A 144 -32.07 -50.95 -15.81
N THR A 145 -32.29 -51.13 -14.50
CA THR A 145 -32.15 -52.44 -13.88
C THR A 145 -33.45 -53.20 -13.77
N GLY A 146 -34.59 -52.53 -13.99
CA GLY A 146 -35.88 -53.16 -13.74
C GLY A 146 -36.31 -53.11 -12.30
N ASP A 147 -35.55 -52.42 -11.45
CA ASP A 147 -35.77 -52.43 -10.01
C ASP A 147 -37.21 -52.05 -9.67
N GLN A 148 -37.67 -52.58 -8.54
CA GLN A 148 -39.05 -52.43 -8.10
C GLN A 148 -39.48 -50.96 -8.08
N HIS A 149 -38.68 -50.11 -7.43
CA HIS A 149 -39.00 -48.70 -7.25
C HIS A 149 -38.16 -47.79 -8.14
N GLN A 150 -37.85 -48.24 -9.36
CA GLN A 150 -36.85 -47.53 -10.16
C GLN A 150 -37.45 -46.37 -10.95
N VAL A 151 -38.73 -46.48 -11.34
CA VAL A 151 -39.40 -45.51 -12.21
C VAL A 151 -39.43 -44.12 -11.59
N GLY A 152 -38.72 -43.18 -12.20
CA GLY A 152 -38.74 -41.79 -11.77
C GLY A 152 -38.14 -41.50 -10.42
N ASN A 153 -37.53 -42.50 -9.77
CA ASN A 153 -36.94 -42.31 -8.46
C ASN A 153 -35.60 -41.58 -8.58
N GLU A 154 -35.51 -40.42 -7.94
CA GLU A 154 -34.31 -39.61 -7.92
C GLU A 154 -33.42 -39.91 -6.73
N THR A 155 -33.73 -40.98 -5.99
CA THR A 155 -32.91 -41.37 -4.85
C THR A 155 -31.71 -42.20 -5.28
N GLN A 156 -31.90 -43.13 -6.22
CA GLN A 156 -30.85 -44.01 -6.70
C GLN A 156 -30.15 -43.39 -7.90
N GLY A 157 -28.86 -43.68 -8.03
CA GLY A 157 -28.05 -43.18 -9.13
C GLY A 157 -26.64 -42.86 -8.70
N VAL A 158 -25.68 -43.10 -9.60
CA VAL A 158 -24.28 -42.83 -9.35
C VAL A 158 -23.92 -41.45 -9.88
N THR A 159 -23.32 -40.62 -9.03
CA THR A 159 -22.91 -39.29 -9.45
C THR A 159 -21.42 -39.25 -9.76
N ALA A 160 -21.06 -38.41 -10.71
CA ALA A 160 -19.69 -38.22 -11.16
C ALA A 160 -19.43 -36.75 -11.35
N GLU A 161 -18.24 -36.30 -10.95
CA GLU A 161 -17.88 -34.89 -11.01
C GLU A 161 -16.92 -34.65 -12.17
N ILE A 162 -17.24 -33.66 -12.99
CA ILE A 162 -16.41 -33.23 -14.11
C ILE A 162 -15.98 -31.80 -13.81
N THR A 163 -14.69 -31.52 -13.98
CA THR A 163 -14.19 -30.16 -13.85
C THR A 163 -13.34 -29.84 -15.06
N SER A 164 -13.13 -28.55 -15.29
CA SER A 164 -12.33 -28.12 -16.43
C SER A 164 -10.93 -28.76 -16.42
N GLN A 165 -10.40 -29.05 -15.23
CA GLN A 165 -9.11 -29.72 -15.12
C GLN A 165 -9.26 -31.23 -15.23
N ALA A 166 -10.20 -31.81 -14.49
CA ALA A 166 -10.47 -33.25 -14.54
C ALA A 166 -11.70 -33.47 -15.42
N SER A 167 -11.47 -33.45 -16.74
CA SER A 167 -12.58 -33.58 -17.68
C SER A 167 -13.01 -35.03 -17.89
N THR A 168 -12.06 -35.96 -17.94
CA THR A 168 -12.38 -37.37 -18.08
C THR A 168 -12.43 -38.03 -16.70
N ALA A 169 -13.48 -38.80 -16.45
CA ALA A 169 -13.68 -39.42 -15.16
C ALA A 169 -14.32 -40.79 -15.36
N GLU A 170 -14.13 -41.67 -14.38
CA GLU A 170 -14.73 -42.99 -14.39
C GLU A 170 -15.77 -43.10 -13.29
N ALA A 171 -16.92 -43.68 -13.63
CA ALA A 171 -18.02 -43.87 -12.70
C ALA A 171 -18.27 -45.36 -12.53
N ILE A 172 -18.22 -45.83 -11.29
CA ILE A 172 -18.39 -47.25 -10.98
C ILE A 172 -19.88 -47.54 -10.87
N LEU A 173 -20.39 -48.36 -11.79
CA LEU A 173 -21.79 -48.76 -11.79
C LEU A 173 -21.90 -50.14 -11.16
N PRO A 174 -22.46 -50.26 -9.96
CA PRO A 174 -22.45 -51.54 -9.26
C PRO A 174 -23.24 -52.60 -10.02
N GLU A 175 -22.62 -53.78 -10.16
CA GLU A 175 -23.14 -54.95 -10.86
C GLU A 175 -23.15 -54.79 -12.38
N TYR A 176 -22.72 -53.64 -12.91
CA TYR A 176 -22.69 -53.45 -14.35
C TYR A 176 -21.32 -53.03 -14.89
N GLY A 177 -20.37 -52.64 -14.04
CA GLY A 177 -19.00 -52.41 -14.47
C GLY A 177 -18.58 -50.96 -14.25
N THR A 178 -17.84 -50.43 -15.22
CA THR A 178 -17.27 -49.10 -15.11
C THR A 178 -17.61 -48.31 -16.37
N LEU A 179 -18.15 -47.11 -16.18
CA LEU A 179 -18.48 -46.20 -17.27
C LEU A 179 -17.41 -45.13 -17.39
N GLY A 180 -17.04 -44.80 -18.63
CA GLY A 180 -16.10 -43.73 -18.90
C GLY A 180 -16.84 -42.49 -19.37
N LEU A 181 -16.44 -41.34 -18.83
CA LEU A 181 -17.01 -40.05 -19.21
C LEU A 181 -15.89 -39.16 -19.69
N GLU A 182 -15.88 -38.87 -21.00
CA GLU A 182 -14.91 -37.99 -21.62
C GLU A 182 -15.67 -36.73 -22.03
N CYS A 183 -15.75 -35.78 -21.12
CA CYS A 183 -16.54 -34.59 -21.33
C CYS A 183 -15.63 -33.43 -21.69
N SER A 184 -16.19 -32.45 -22.39
CA SER A 184 -15.46 -31.24 -22.74
C SER A 184 -16.27 -30.06 -22.26
N PRO A 185 -15.91 -29.45 -21.13
CA PRO A 185 -16.67 -28.31 -20.64
C PRO A 185 -16.46 -27.10 -21.54
N ARG A 186 -17.44 -26.87 -22.41
CA ARG A 186 -17.49 -25.70 -23.26
C ARG A 186 -18.15 -24.60 -22.45
N THR A 187 -17.52 -23.43 -22.41
CA THR A 187 -17.95 -22.36 -21.49
C THR A 187 -19.39 -21.97 -21.75
N GLY A 188 -19.75 -21.76 -23.01
CA GLY A 188 -21.04 -21.22 -23.36
C GLY A 188 -21.09 -19.71 -23.34
N LEU A 189 -20.27 -19.07 -22.51
CA LEU A 189 -20.18 -17.62 -22.43
C LEU A 189 -18.79 -17.23 -21.95
N ASP A 190 -18.43 -15.97 -22.21
CA ASP A 190 -17.17 -15.45 -21.71
C ASP A 190 -17.38 -14.98 -20.28
N PHE A 191 -16.67 -15.60 -19.34
CA PHE A 191 -16.93 -15.36 -17.94
C PHE A 191 -16.34 -14.04 -17.44
N ASN A 192 -15.33 -13.49 -18.11
CA ASN A 192 -14.91 -12.14 -17.80
C ASN A 192 -16.00 -11.11 -18.10
N GLU A 193 -16.80 -11.35 -19.15
CA GLU A 193 -17.88 -10.43 -19.49
C GLU A 193 -19.07 -10.53 -18.55
N MET A 194 -19.17 -11.59 -17.75
CA MET A 194 -20.30 -11.81 -16.87
C MET A 194 -19.85 -11.78 -15.41
N ILE A 195 -20.71 -11.25 -14.56
CA ILE A 195 -20.48 -11.14 -13.12
C ILE A 195 -21.70 -11.67 -12.40
N LEU A 196 -21.46 -12.40 -11.31
CA LEU A 196 -22.52 -12.92 -10.45
C LEU A 196 -22.96 -11.86 -9.45
N LEU A 197 -24.14 -11.30 -9.65
CA LEU A 197 -24.69 -10.31 -8.74
C LEU A 197 -25.51 -11.03 -7.69
N THR A 198 -25.15 -10.85 -6.42
CA THR A 198 -25.85 -11.51 -5.32
C THR A 198 -26.48 -10.48 -4.41
N MET A 199 -27.78 -10.65 -4.15
CA MET A 199 -28.57 -9.75 -3.30
C MET A 199 -29.40 -10.60 -2.35
N LYS A 200 -29.10 -10.49 -1.06
CA LYS A 200 -29.77 -11.26 -0.01
C LYS A 200 -29.70 -12.74 -0.39
N ASN A 201 -30.82 -13.45 -0.45
CA ASN A 201 -30.80 -14.87 -0.84
C ASN A 201 -30.58 -15.02 -2.33
N LYS A 202 -31.14 -14.12 -3.13
CA LYS A 202 -31.21 -14.29 -4.56
C LYS A 202 -29.87 -13.97 -5.22
N ALA A 203 -29.69 -14.50 -6.44
CA ALA A 203 -28.51 -14.22 -7.23
C ALA A 203 -28.88 -14.25 -8.71
N TRP A 204 -28.11 -13.52 -9.51
CA TRP A 204 -28.31 -13.40 -10.95
C TRP A 204 -26.96 -13.36 -11.64
N MET A 205 -26.98 -13.51 -12.97
CA MET A 205 -25.80 -13.37 -13.80
C MET A 205 -26.02 -12.18 -14.72
N VAL A 206 -25.16 -11.16 -14.61
CA VAL A 206 -25.36 -9.92 -15.34
C VAL A 206 -24.06 -9.52 -16.04
N HIS A 207 -24.15 -8.51 -16.89
CA HIS A 207 -22.97 -8.02 -17.60
C HIS A 207 -22.06 -7.22 -16.66
N ARG A 208 -20.75 -7.37 -16.87
CA ARG A 208 -19.77 -6.67 -16.06
C ARG A 208 -19.98 -5.17 -16.10
N GLN A 209 -20.07 -4.62 -17.33
CA GLN A 209 -20.25 -3.18 -17.48
C GLN A 209 -21.56 -2.72 -16.86
N TRP A 210 -22.63 -3.48 -17.05
CA TRP A 210 -23.91 -3.13 -16.46
C TRP A 210 -23.84 -3.08 -14.93
N PHE A 211 -23.13 -4.03 -14.33
CA PHE A 211 -22.96 -4.02 -12.88
C PHE A 211 -22.13 -2.83 -12.43
N PHE A 212 -21.06 -2.51 -13.17
CA PHE A 212 -20.20 -1.39 -12.81
C PHE A 212 -20.90 -0.04 -13.00
N ASP A 213 -21.81 0.05 -13.97
CA ASP A 213 -22.55 1.27 -14.24
C ASP A 213 -23.85 1.38 -13.45
N LEU A 214 -23.99 0.62 -12.37
CA LEU A 214 -25.17 0.74 -11.52
C LEU A 214 -25.06 2.01 -10.68
N PRO A 215 -26.07 2.88 -10.71
CA PRO A 215 -25.97 4.16 -10.00
C PRO A 215 -26.11 4.00 -8.49
N LEU A 216 -25.13 3.35 -7.87
CA LEU A 216 -25.15 3.07 -6.44
C LEU A 216 -23.78 3.36 -5.87
N PRO A 217 -23.70 3.70 -4.59
CA PRO A 217 -22.38 3.84 -3.96
C PRO A 217 -21.68 2.50 -3.91
N TRP A 218 -20.36 2.54 -4.11
CA TRP A 218 -19.58 1.33 -4.28
C TRP A 218 -18.31 1.37 -3.44
N THR A 219 -17.78 0.18 -3.20
CA THR A 219 -16.57 -0.01 -2.42
C THR A 219 -15.85 -1.23 -2.99
N SER A 220 -14.57 -1.34 -2.65
CA SER A 220 -13.74 -2.41 -3.18
C SER A 220 -14.25 -3.77 -2.73
N GLY A 221 -13.81 -4.81 -3.45
CA GLY A 221 -14.28 -6.16 -3.15
C GLY A 221 -13.85 -6.65 -1.79
N ALA A 222 -12.69 -6.21 -1.31
CA ALA A 222 -12.17 -6.68 -0.03
C ALA A 222 -13.16 -6.35 1.09
N THR A 223 -13.51 -7.37 1.88
CA THR A 223 -14.51 -7.22 2.92
C THR A 223 -13.92 -6.49 4.13
N THR A 224 -14.64 -5.48 4.62
CA THR A 224 -14.24 -4.74 5.81
C THR A 224 -15.50 -4.51 6.64
N LYS A 225 -15.36 -4.59 7.96
CA LYS A 225 -16.48 -4.30 8.85
C LYS A 225 -16.84 -2.82 8.77
N THR A 226 -15.85 -1.95 8.56
CA THR A 226 -16.07 -0.52 8.38
C THR A 226 -15.58 -0.18 6.98
N PRO A 227 -16.47 -0.12 5.99
CA PRO A 227 -16.04 0.18 4.62
C PRO A 227 -16.13 1.66 4.29
N THR A 228 -15.40 2.04 3.24
CA THR A 228 -15.36 3.41 2.73
C THR A 228 -16.08 3.45 1.39
N TRP A 229 -17.20 4.18 1.36
CA TRP A 229 -18.05 4.23 0.16
C TRP A 229 -17.71 5.42 -0.72
N ASN A 230 -17.77 5.18 -2.03
CA ASN A 230 -17.64 6.20 -3.05
C ASN A 230 -18.98 6.42 -3.73
N ARG A 231 -19.10 7.57 -4.39
CA ARG A 231 -20.37 8.00 -5.00
C ARG A 231 -21.50 7.97 -3.98
N LYS A 232 -21.22 8.45 -2.76
CA LYS A 232 -22.24 8.47 -1.73
C LYS A 232 -23.37 9.42 -2.06
N GLU A 233 -23.15 10.40 -2.93
CA GLU A 233 -24.18 11.34 -3.34
C GLU A 233 -25.25 10.69 -4.21
N LEU A 234 -25.03 9.48 -4.69
CA LEU A 234 -26.06 8.79 -5.45
C LEU A 234 -27.20 8.33 -4.54
N LEU A 235 -27.01 8.36 -3.22
CA LEU A 235 -28.06 8.07 -2.27
C LEU A 235 -28.35 9.22 -1.33
N VAL A 236 -27.50 10.24 -1.28
CA VAL A 236 -27.66 11.37 -0.37
C VAL A 236 -27.91 12.63 -1.19
N THR A 237 -29.00 13.33 -0.88
CA THR A 237 -29.37 14.55 -1.58
C THR A 237 -29.46 15.71 -0.59
N PHE A 238 -28.92 16.86 -1.01
CA PHE A 238 -29.00 18.10 -0.27
C PHE A 238 -29.98 19.04 -0.98
N LYS A 239 -30.93 19.59 -0.25
CA LYS A 239 -31.92 20.49 -0.84
C LYS A 239 -31.81 21.86 -0.20
N ASN A 240 -31.68 22.88 -1.04
CA ASN A 240 -31.69 24.29 -0.65
C ASN A 240 -32.62 24.99 -1.62
N ALA A 241 -33.87 25.23 -1.19
CA ALA A 241 -34.89 25.73 -2.10
C ALA A 241 -34.75 27.22 -2.37
N HIS A 242 -34.70 28.04 -1.31
CA HIS A 242 -34.80 29.49 -1.44
C HIS A 242 -33.70 30.22 -0.69
N ALA A 243 -32.52 29.60 -0.58
CA ALA A 243 -31.33 30.21 0.00
C ALA A 243 -31.47 30.51 1.49
N LYS A 244 -32.45 29.90 2.15
CA LYS A 244 -32.64 29.97 3.59
C LYS A 244 -32.04 28.79 4.33
N LYS A 245 -32.23 27.57 3.81
CA LYS A 245 -31.94 26.35 4.55
C LYS A 245 -31.31 25.32 3.62
N GLN A 246 -30.74 24.29 4.23
CA GLN A 246 -30.18 23.16 3.48
C GLN A 246 -30.45 21.89 4.28
N GLU A 247 -31.37 21.06 3.79
CA GLU A 247 -31.73 19.80 4.43
C GLU A 247 -31.18 18.63 3.64
N VAL A 248 -30.66 17.63 4.34
CA VAL A 248 -30.04 16.46 3.73
C VAL A 248 -30.93 15.25 3.99
N VAL A 249 -31.22 14.49 2.93
CA VAL A 249 -32.09 13.32 3.04
C VAL A 249 -31.51 12.17 2.20
N VAL A 250 -31.79 10.95 2.65
CA VAL A 250 -31.29 9.74 1.99
C VAL A 250 -32.36 9.21 1.05
N LEU A 251 -31.92 8.52 0.00
CA LEU A 251 -32.80 8.16 -1.10
C LEU A 251 -33.72 6.98 -0.80
N GLY A 252 -33.37 6.10 0.14
CA GLY A 252 -34.23 4.98 0.44
C GLY A 252 -33.78 3.71 -0.27
N SER A 253 -34.41 2.60 0.12
CA SER A 253 -34.00 1.29 -0.36
C SER A 253 -34.19 1.14 -1.86
N GLN A 254 -33.14 0.67 -2.54
CA GLN A 254 -33.16 0.41 -3.98
C GLN A 254 -33.36 -1.07 -4.28
N GLU A 255 -33.84 -1.84 -3.31
CA GLU A 255 -34.02 -3.28 -3.47
C GLU A 255 -34.98 -3.60 -4.62
N GLY A 256 -36.20 -3.07 -4.54
CA GLY A 256 -37.17 -3.33 -5.60
C GLY A 256 -36.74 -2.78 -6.94
N ALA A 257 -36.03 -1.64 -6.94
CA ALA A 257 -35.51 -1.10 -8.18
C ALA A 257 -34.53 -2.09 -8.82
N MET A 258 -33.66 -2.68 -8.00
CA MET A 258 -32.76 -3.70 -8.50
C MET A 258 -33.54 -4.89 -9.04
N HIS A 259 -34.58 -5.32 -8.33
CA HIS A 259 -35.39 -6.45 -8.82
C HIS A 259 -35.95 -6.15 -10.21
N THR A 260 -36.46 -4.94 -10.42
CA THR A 260 -36.96 -4.58 -11.74
C THR A 260 -35.83 -4.56 -12.77
N ALA A 261 -34.67 -4.00 -12.40
CA ALA A 261 -33.55 -3.94 -13.33
C ALA A 261 -33.03 -5.33 -13.69
N LEU A 262 -33.24 -6.31 -12.82
CA LEU A 262 -32.77 -7.66 -13.02
C LEU A 262 -33.80 -8.55 -13.69
N THR A 263 -34.88 -7.95 -14.21
CA THR A 263 -35.95 -8.75 -14.80
C THR A 263 -35.45 -9.59 -15.98
N GLY A 264 -34.67 -8.97 -16.87
CA GLY A 264 -34.21 -9.66 -18.05
C GLY A 264 -32.89 -10.40 -17.90
N ALA A 265 -32.48 -10.66 -16.68
CA ALA A 265 -31.24 -11.35 -16.40
C ALA A 265 -31.50 -12.77 -15.94
N THR A 266 -30.50 -13.63 -16.14
CA THR A 266 -30.61 -15.03 -15.76
C THR A 266 -30.51 -15.18 -14.25
N GLU A 267 -31.51 -15.84 -13.66
CA GLU A 267 -31.56 -16.01 -12.22
C GLU A 267 -30.92 -17.33 -11.81
N ILE A 268 -30.33 -17.34 -10.63
CA ILE A 268 -29.51 -18.44 -10.12
C ILE A 268 -30.00 -18.80 -8.73
N GLN A 269 -30.14 -20.09 -8.46
CA GLN A 269 -30.65 -20.55 -7.18
C GLN A 269 -29.62 -20.34 -6.07
N THR A 270 -30.13 -20.02 -4.88
CA THR A 270 -29.35 -19.69 -3.68
C THR A 270 -28.46 -18.48 -4.03
N SER A 271 -27.26 -18.40 -3.45
CA SER A 271 -26.40 -17.24 -3.65
C SER A 271 -25.02 -17.65 -4.15
N THR A 274 -23.07 -22.74 -2.07
CA THR A 274 -23.71 -23.54 -3.11
C THR A 274 -24.51 -22.67 -4.06
N SER A 275 -23.89 -22.33 -5.19
CA SER A 275 -24.51 -21.52 -6.24
C SER A 275 -24.58 -22.35 -7.50
N ILE A 276 -25.80 -22.63 -7.97
CA ILE A 276 -26.05 -23.60 -9.02
C ILE A 276 -26.48 -22.87 -10.29
N PHE A 277 -25.76 -23.09 -11.37
CA PHE A 277 -26.04 -22.47 -12.67
C PHE A 277 -26.91 -23.41 -13.51
N ALA A 278 -27.59 -22.82 -14.49
CA ALA A 278 -28.25 -23.57 -15.54
C ALA A 278 -27.31 -23.60 -16.75
N GLY A 279 -26.79 -24.79 -17.07
CA GLY A 279 -25.80 -24.91 -18.12
C GLY A 279 -25.93 -26.14 -19.01
N HIS A 280 -24.87 -26.46 -19.74
CA HIS A 280 -24.85 -27.62 -20.62
C HIS A 280 -23.44 -28.22 -20.62
N LEU A 281 -23.35 -29.46 -21.11
CA LEU A 281 -22.09 -30.20 -21.10
C LEU A 281 -22.16 -31.30 -22.15
N LYS A 282 -21.13 -31.41 -22.98
CA LYS A 282 -21.05 -32.45 -23.99
C LYS A 282 -20.08 -33.54 -23.53
N CYS A 283 -20.53 -34.80 -23.60
CA CYS A 283 -19.75 -35.91 -23.09
C CYS A 283 -19.76 -37.07 -24.07
N ARG A 284 -18.67 -37.84 -24.04
CA ARG A 284 -18.53 -39.10 -24.76
C ARG A 284 -18.50 -40.22 -23.74
N LEU A 285 -19.47 -41.12 -23.82
CA LEU A 285 -19.62 -42.21 -22.88
C LEU A 285 -18.93 -43.45 -23.43
N LYS A 286 -17.91 -43.90 -22.73
CA LYS A 286 -17.19 -45.12 -23.09
C LYS A 286 -17.80 -46.27 -22.30
N MET A 287 -18.39 -47.24 -23.01
CA MET A 287 -19.06 -48.36 -22.38
C MET A 287 -18.31 -49.67 -22.59
N ASP A 288 -17.02 -49.59 -22.93
CA ASP A 288 -16.23 -50.80 -23.15
C ASP A 288 -16.13 -51.64 -21.88
N LYS A 289 -16.00 -50.98 -20.73
CA LYS A 289 -15.94 -51.69 -19.46
C LYS A 289 -17.31 -51.92 -18.84
N LEU A 290 -18.38 -51.55 -19.53
CA LEU A 290 -19.72 -51.84 -19.06
C LEU A 290 -20.12 -53.24 -19.50
N LYS A 291 -20.78 -53.97 -18.61
CA LYS A 291 -21.16 -55.35 -18.84
C LYS A 291 -22.62 -55.55 -18.43
N LEU A 292 -23.38 -56.24 -19.26
CA LEU A 292 -24.78 -56.51 -18.99
C LEU A 292 -24.90 -57.62 -17.96
N LYS A 293 -25.69 -57.36 -16.91
CA LYS A 293 -25.71 -58.22 -15.73
C LYS A 293 -26.12 -59.65 -16.06
N GLY A 294 -27.31 -59.83 -16.64
CA GLY A 294 -27.85 -61.17 -16.78
C GLY A 294 -27.89 -61.75 -18.18
N MET A 295 -26.85 -61.50 -18.97
CA MET A 295 -26.83 -62.03 -20.34
C MET A 295 -26.62 -63.54 -20.34
N SER A 296 -25.96 -64.07 -19.32
CA SER A 296 -25.72 -65.51 -19.23
C SER A 296 -26.83 -66.25 -18.52
N TYR A 297 -27.90 -65.56 -18.10
CA TYR A 297 -29.01 -66.22 -17.45
C TYR A 297 -29.83 -67.02 -18.45
N ALA A 298 -30.50 -68.05 -17.95
CA ALA A 298 -31.42 -68.79 -18.78
C ALA A 298 -32.77 -68.09 -18.84
N MET A 299 -33.63 -68.53 -19.74
CA MET A 299 -34.94 -67.92 -19.87
C MET A 299 -35.82 -68.32 -18.70
N CYS A 300 -36.79 -67.46 -18.38
CA CYS A 300 -37.75 -67.78 -17.34
C CYS A 300 -38.77 -68.77 -17.89
N LEU A 301 -38.84 -69.95 -17.29
CA LEU A 301 -39.70 -71.03 -17.78
C LEU A 301 -41.14 -70.94 -17.27
N ASN A 302 -41.43 -70.09 -16.27
CA ASN A 302 -42.76 -70.02 -15.66
C ASN A 302 -43.57 -68.81 -16.13
N THR A 303 -44.42 -68.28 -15.22
CA THR A 303 -45.43 -67.28 -15.56
C THR A 303 -45.07 -65.89 -15.05
N PHE A 304 -45.52 -64.90 -15.80
CA PHE A 304 -45.46 -63.50 -15.39
C PHE A 304 -46.89 -63.02 -15.23
N VAL A 305 -47.10 -62.14 -14.25
CA VAL A 305 -48.42 -61.58 -13.96
C VAL A 305 -48.30 -60.06 -13.95
N LEU A 306 -49.26 -59.41 -14.58
CA LEU A 306 -49.28 -57.95 -14.63
C LEU A 306 -49.62 -57.38 -13.26
N LYS A 307 -48.69 -56.62 -12.67
CA LYS A 307 -48.87 -56.06 -11.34
C LYS A 307 -49.30 -54.60 -11.37
N LYS A 308 -49.39 -53.99 -12.55
CA LYS A 308 -49.80 -52.60 -12.69
C LYS A 308 -50.24 -52.39 -14.13
N GLU A 309 -51.22 -51.51 -14.31
CA GLU A 309 -51.74 -51.23 -15.64
C GLU A 309 -50.64 -50.66 -16.54
N VAL A 310 -50.59 -51.17 -17.77
CA VAL A 310 -49.62 -50.65 -18.73
C VAL A 310 -50.00 -49.23 -19.13
N SER A 311 -49.06 -48.30 -18.98
CA SER A 311 -49.32 -46.90 -19.30
C SER A 311 -48.26 -46.38 -20.27
N GLU A 312 -48.66 -45.38 -21.06
CA GLU A 312 -47.82 -44.83 -22.11
C GLU A 312 -47.09 -43.59 -21.61
N THR A 313 -45.82 -43.49 -21.99
CA THR A 313 -44.96 -42.34 -21.71
C THR A 313 -45.24 -41.23 -22.72
N GLN A 314 -44.84 -40.01 -22.38
CA GLN A 314 -45.02 -38.87 -23.28
C GLN A 314 -44.34 -39.08 -24.64
N HIS A 315 -43.32 -39.93 -24.71
CA HIS A 315 -42.59 -40.18 -25.93
C HIS A 315 -43.02 -41.46 -26.63
N GLY A 316 -44.18 -42.00 -26.30
CA GLY A 316 -44.73 -43.14 -26.99
C GLY A 316 -44.32 -44.49 -26.42
N THR A 317 -43.30 -44.54 -25.58
CA THR A 317 -42.92 -45.81 -24.99
C THR A 317 -43.93 -46.22 -23.92
N ILE A 318 -43.91 -47.51 -23.59
CA ILE A 318 -44.83 -48.07 -22.61
C ILE A 318 -44.02 -48.66 -21.46
N LEU A 319 -44.65 -48.67 -20.29
CA LEU A 319 -44.06 -49.21 -19.07
C LEU A 319 -44.88 -50.41 -18.62
N ILE A 320 -44.20 -51.53 -18.41
CA ILE A 320 -44.83 -52.80 -18.05
C ILE A 320 -44.27 -53.24 -16.70
N LYS A 321 -45.14 -53.41 -15.71
CA LYS A 321 -44.73 -53.89 -14.40
C LYS A 321 -45.26 -55.31 -14.23
N VAL A 322 -44.34 -56.29 -14.17
CA VAL A 322 -44.72 -57.69 -14.10
C VAL A 322 -44.20 -58.32 -12.82
N GLU A 323 -44.89 -59.36 -12.37
CA GLU A 323 -44.47 -60.16 -11.24
C GLU A 323 -44.27 -61.60 -11.70
N TYR A 324 -43.14 -62.18 -11.32
CA TYR A 324 -42.80 -63.54 -11.71
C TYR A 324 -43.30 -64.53 -10.66
N LYS A 325 -43.86 -65.66 -11.14
CA LYS A 325 -44.39 -66.67 -10.25
C LYS A 325 -43.65 -68.00 -10.35
N GLY A 326 -42.34 -67.97 -10.60
CA GLY A 326 -41.54 -69.16 -10.71
C GLY A 326 -40.39 -69.13 -9.71
N GLU A 327 -39.65 -70.25 -9.66
CA GLU A 327 -38.56 -70.43 -8.70
C GLU A 327 -37.19 -70.50 -9.35
N ASP A 328 -37.08 -70.24 -10.65
CA ASP A 328 -35.80 -70.35 -11.34
C ASP A 328 -35.03 -69.04 -11.39
N ALA A 329 -35.56 -67.97 -10.80
CA ALA A 329 -34.87 -66.69 -10.78
C ALA A 329 -33.50 -66.82 -10.09
N PRO A 330 -32.48 -66.16 -10.64
CA PRO A 330 -32.57 -65.16 -11.72
C PRO A 330 -32.64 -65.76 -13.12
N CYS A 331 -33.48 -65.18 -13.96
CA CYS A 331 -33.66 -65.68 -15.32
C CYS A 331 -33.96 -64.52 -16.25
N LYS A 332 -33.78 -64.77 -17.55
CA LYS A 332 -34.10 -63.79 -18.58
C LYS A 332 -35.59 -63.77 -18.86
N ILE A 333 -36.15 -62.57 -18.96
CA ILE A 333 -37.57 -62.42 -19.23
C ILE A 333 -37.80 -62.58 -20.73
N PRO A 334 -38.59 -63.57 -21.15
CA PRO A 334 -38.92 -63.69 -22.58
C PRO A 334 -39.80 -62.53 -23.02
N PHE A 335 -39.38 -61.84 -24.08
CA PHE A 335 -40.08 -60.67 -24.57
C PHE A 335 -40.14 -60.73 -26.08
N SER A 336 -41.35 -60.64 -26.64
CA SER A 336 -41.50 -60.70 -28.09
C SER A 336 -42.77 -59.96 -28.49
N THR A 337 -42.74 -59.35 -29.68
CA THR A 337 -43.85 -58.57 -30.19
C THR A 337 -44.46 -59.26 -31.39
N GLU A 338 -45.78 -59.40 -31.40
CA GLU A 338 -46.51 -59.99 -32.52
C GLU A 338 -47.28 -58.90 -33.26
N ASN A 346 -40.06 -53.67 -35.85
CA ASN A 346 -40.19 -52.30 -35.37
C ASN A 346 -40.27 -52.28 -33.84
N GLY A 347 -40.97 -53.25 -33.27
CA GLY A 347 -41.12 -53.32 -31.82
C GLY A 347 -39.81 -53.67 -31.14
N ARG A 348 -39.34 -52.80 -30.25
CA ARG A 348 -38.06 -53.00 -29.58
C ARG A 348 -38.20 -52.70 -28.10
N LEU A 349 -37.14 -52.99 -27.36
CA LEU A 349 -37.07 -52.70 -25.93
C LEU A 349 -36.20 -51.47 -25.70
N ILE A 350 -36.64 -50.61 -24.79
CA ILE A 350 -35.77 -49.57 -24.27
C ILE A 350 -34.85 -50.14 -23.21
N THR A 351 -35.42 -50.88 -22.25
CA THR A 351 -34.63 -51.54 -21.23
C THR A 351 -33.94 -52.75 -21.85
N ALA A 352 -32.63 -52.80 -21.74
CA ALA A 352 -31.86 -53.89 -22.33
C ALA A 352 -31.75 -55.03 -21.31
N ASN A 353 -32.00 -56.25 -21.77
CA ASN A 353 -31.89 -57.47 -20.97
C ASN A 353 -32.70 -57.39 -19.68
N PRO A 354 -34.03 -57.35 -19.74
CA PRO A 354 -34.82 -57.38 -18.51
C PRO A 354 -34.68 -58.73 -17.84
N VAL A 355 -34.42 -58.71 -16.52
CA VAL A 355 -34.19 -59.93 -15.77
C VAL A 355 -34.99 -59.89 -14.48
N VAL A 356 -35.31 -61.08 -13.96
CA VAL A 356 -35.91 -61.23 -12.65
C VAL A 356 -34.78 -61.55 -11.67
N THR A 357 -34.70 -60.79 -10.59
CA THR A 357 -33.68 -61.04 -9.58
C THR A 357 -34.21 -61.83 -8.39
N LYS A 358 -35.40 -61.47 -7.92
CA LYS A 358 -36.07 -62.20 -6.85
C LYS A 358 -37.53 -62.36 -7.22
N LYS A 359 -38.09 -63.51 -6.85
CA LYS A 359 -39.50 -63.80 -7.15
C LYS A 359 -40.42 -62.76 -6.53
N GLU A 360 -40.08 -62.29 -5.33
CA GLU A 360 -40.95 -61.38 -4.59
C GLU A 360 -40.93 -59.97 -5.15
N GLU A 361 -39.88 -59.59 -5.88
CA GLU A 361 -39.74 -58.21 -6.36
C GLU A 361 -40.24 -58.11 -7.80
N PRO A 362 -41.20 -57.21 -8.08
CA PRO A 362 -41.63 -57.03 -9.47
C PRO A 362 -40.53 -56.43 -10.32
N VAL A 363 -40.75 -56.45 -11.63
CA VAL A 363 -39.80 -55.92 -12.60
C VAL A 363 -40.52 -54.91 -13.48
N ASN A 364 -39.86 -53.79 -13.72
CA ASN A 364 -40.35 -52.75 -14.63
C ASN A 364 -39.57 -52.83 -15.92
N ILE A 365 -40.29 -52.82 -17.04
CA ILE A 365 -39.69 -52.89 -18.37
C ILE A 365 -40.25 -51.74 -19.19
N GLU A 366 -39.37 -50.99 -19.83
CA GLU A 366 -39.78 -49.95 -20.76
C GLU A 366 -39.56 -50.45 -22.17
N ALA A 367 -40.62 -50.42 -22.98
CA ALA A 367 -40.56 -50.92 -24.35
C ALA A 367 -41.09 -49.86 -25.30
N GLU A 368 -40.67 -49.97 -26.57
CA GLU A 368 -41.11 -49.07 -27.63
C GLU A 368 -41.95 -49.85 -28.62
N PRO A 369 -43.27 -49.90 -28.44
CA PRO A 369 -44.11 -50.67 -29.36
C PRO A 369 -44.28 -49.92 -30.68
N PRO A 370 -44.49 -50.65 -31.78
CA PRO A 370 -44.69 -49.98 -33.06
C PRO A 370 -46.06 -49.33 -33.13
N PHE A 371 -46.19 -48.40 -34.09
CA PHE A 371 -47.47 -47.74 -34.31
C PHE A 371 -48.51 -48.76 -34.76
N GLY A 372 -49.73 -48.59 -34.29
CA GLY A 372 -50.81 -49.49 -34.60
C GLY A 372 -51.01 -50.55 -33.54
N GLU A 373 -51.67 -51.63 -33.95
CA GLU A 373 -51.96 -52.72 -33.04
C GLU A 373 -50.76 -53.66 -32.97
N SER A 374 -50.41 -54.05 -31.75
CA SER A 374 -49.30 -54.97 -31.51
C SER A 374 -49.60 -55.76 -30.25
N ASN A 375 -49.03 -56.96 -30.18
CA ASN A 375 -49.25 -57.87 -29.06
C ASN A 375 -47.94 -58.07 -28.32
N ILE A 376 -47.93 -57.71 -27.05
CA ILE A 376 -46.74 -57.86 -26.21
C ILE A 376 -46.82 -59.22 -25.54
N VAL A 377 -45.87 -60.10 -25.86
CA VAL A 377 -45.79 -61.43 -25.30
C VAL A 377 -44.65 -61.45 -24.30
N ILE A 378 -44.99 -61.62 -23.02
CA ILE A 378 -44.00 -61.72 -21.94
C ILE A 378 -44.10 -63.12 -21.35
N GLY A 379 -43.00 -63.86 -21.40
CA GLY A 379 -42.98 -65.25 -21.01
C GLY A 379 -42.99 -66.16 -22.22
N ILE A 380 -42.92 -67.45 -21.94
CA ILE A 380 -42.83 -68.45 -22.99
C ILE A 380 -43.92 -69.51 -22.76
N GLY A 381 -44.44 -70.04 -23.86
CA GLY A 381 -45.39 -71.13 -23.74
C GLY A 381 -46.84 -70.68 -23.76
N ASP A 382 -47.71 -71.59 -23.33
CA ASP A 382 -49.15 -71.33 -23.32
C ASP A 382 -49.51 -70.31 -22.26
N LYS A 383 -48.92 -70.46 -21.08
CA LYS A 383 -49.15 -69.62 -19.91
C LYS A 383 -48.50 -68.24 -20.02
N ALA A 384 -48.06 -67.84 -21.21
CA ALA A 384 -47.41 -66.55 -21.37
C ALA A 384 -48.42 -65.39 -21.34
N LEU A 385 -47.95 -64.25 -20.85
CA LEU A 385 -48.77 -63.06 -20.75
C LEU A 385 -48.87 -62.38 -22.11
N LYS A 386 -50.11 -62.10 -22.54
CA LYS A 386 -50.39 -61.46 -23.82
C LYS A 386 -51.10 -60.14 -23.55
N ILE A 387 -50.45 -59.03 -23.86
CA ILE A 387 -50.99 -57.69 -23.64
C ILE A 387 -51.19 -57.03 -25.00
N ASN A 388 -52.45 -56.82 -25.40
CA ASN A 388 -52.72 -56.11 -26.64
C ASN A 388 -52.57 -54.61 -26.42
N TRP A 389 -51.97 -53.93 -27.40
CA TRP A 389 -51.69 -52.51 -27.28
C TRP A 389 -51.85 -51.84 -28.64
N TYR A 390 -52.30 -50.58 -28.62
CA TYR A 390 -52.42 -49.78 -29.82
C TYR A 390 -51.65 -48.49 -29.61
N ARG A 391 -50.73 -48.16 -30.52
CA ARG A 391 -50.00 -46.90 -30.44
C ARG A 391 -50.51 -45.96 -31.51
N LYS A 392 -51.13 -44.86 -31.10
CA LYS A 392 -51.67 -43.84 -31.98
C LYS A 392 -50.69 -42.69 -32.12
N GLY A 393 -50.42 -42.28 -33.35
CA GLY A 393 -49.52 -41.15 -33.58
C GLY A 393 -50.25 -39.82 -33.62
N MET B 1 10.61 57.15 18.66
CA MET B 1 11.96 56.79 18.22
C MET B 1 12.18 55.28 18.28
N ARG B 2 11.21 54.52 17.78
CA ARG B 2 11.34 53.08 17.72
C ARG B 2 12.23 52.65 16.56
N CYS B 3 12.18 53.36 15.43
CA CYS B 3 13.00 53.01 14.28
C CYS B 3 14.43 53.50 14.37
N VAL B 4 14.74 54.37 15.34
CA VAL B 4 16.10 54.87 15.48
C VAL B 4 17.02 53.72 15.84
N GLY B 5 17.88 53.33 14.91
CA GLY B 5 18.74 52.18 15.08
C GLY B 5 18.42 51.03 14.15
N VAL B 6 17.27 51.07 13.49
CA VAL B 6 16.86 50.04 12.54
C VAL B 6 17.45 50.37 11.18
N GLY B 7 18.06 49.37 10.54
CA GLY B 7 18.69 49.60 9.25
C GLY B 7 17.69 49.79 8.13
N ASN B 8 16.65 48.94 8.10
CA ASN B 8 15.61 49.03 7.08
C ASN B 8 14.57 50.04 7.54
N ARG B 9 14.92 51.32 7.39
CA ARG B 9 14.09 52.44 7.83
C ARG B 9 13.82 53.37 6.68
N ASP B 10 12.56 53.77 6.51
CA ASP B 10 12.14 54.67 5.45
C ASP B 10 11.70 56.01 6.04
N PHE B 11 12.05 57.09 5.35
CA PHE B 11 11.65 58.44 5.73
C PHE B 11 10.65 58.96 4.70
N VAL B 12 9.45 59.31 5.15
CA VAL B 12 8.39 59.80 4.29
C VAL B 12 7.89 61.13 4.84
N GLU B 13 7.79 62.13 3.97
CA GLU B 13 7.29 63.45 4.36
C GLU B 13 6.05 63.75 3.54
N GLY B 14 4.99 64.20 4.22
CA GLY B 14 3.75 64.50 3.55
C GLY B 14 3.88 65.70 2.63
N LEU B 15 3.02 65.72 1.61
CA LEU B 15 3.03 66.80 0.64
C LEU B 15 2.65 68.12 1.29
N SER B 16 3.02 69.21 0.62
CA SER B 16 2.82 70.55 1.16
C SER B 16 1.35 70.79 1.46
N GLY B 17 1.05 71.04 2.74
CA GLY B 17 -0.29 71.37 3.17
C GLY B 17 -1.16 70.19 3.54
N ALA B 18 -0.93 69.03 2.93
CA ALA B 18 -1.76 67.86 3.20
C ALA B 18 -1.56 67.36 4.63
N THR B 19 -2.63 66.88 5.23
CA THR B 19 -2.60 66.30 6.57
C THR B 19 -2.59 64.78 6.54
N TRP B 20 -2.41 64.17 5.38
CA TRP B 20 -2.35 62.73 5.22
C TRP B 20 -0.99 62.32 4.67
N VAL B 21 -0.53 61.14 5.08
CA VAL B 21 0.74 60.61 4.58
C VAL B 21 0.54 59.14 4.22
N ASP B 22 0.91 58.79 2.98
CA ASP B 22 0.80 57.42 2.50
C ASP B 22 2.10 56.66 2.79
N VAL B 23 1.97 55.46 3.36
CA VAL B 23 3.12 54.65 3.74
C VAL B 23 2.89 53.20 3.31
N VAL B 24 3.99 52.47 3.16
CA VAL B 24 3.98 51.04 2.85
C VAL B 24 4.79 50.33 3.92
N LEU B 25 4.11 49.58 4.77
CA LEU B 25 4.75 48.83 5.84
C LEU B 25 5.05 47.41 5.40
N GLU B 26 6.25 46.93 5.72
CA GLU B 26 6.57 45.53 5.47
C GLU B 26 7.35 44.98 6.66
N HIS B 27 7.26 43.67 6.84
N HIS B 27 7.27 43.67 6.83
CA HIS B 27 7.87 43.04 8.00
CA HIS B 27 7.87 43.02 7.98
C HIS B 27 9.38 43.26 8.00
C HIS B 27 9.38 43.25 8.00
N GLY B 28 9.91 43.54 9.20
CA GLY B 28 11.30 43.88 9.35
C GLY B 28 11.65 45.29 8.91
N GLY B 29 10.66 46.11 8.62
CA GLY B 29 10.89 47.46 8.16
C GLY B 29 10.21 48.48 9.04
N CYS B 30 10.73 49.70 9.02
CA CYS B 30 10.21 50.79 9.84
C CYS B 30 10.10 52.04 8.97
N VAL B 31 9.02 52.79 9.14
CA VAL B 31 8.83 54.03 8.38
C VAL B 31 8.65 55.18 9.37
N THR B 32 9.35 56.27 9.12
CA THR B 32 9.23 57.48 9.91
C THR B 32 8.51 58.52 9.06
N THR B 33 7.44 59.09 9.62
CA THR B 33 6.63 60.06 8.91
C THR B 33 6.73 61.43 9.57
N MET B 34 6.82 62.46 8.73
CA MET B 34 6.94 63.85 9.15
C MET B 34 5.92 64.71 8.40
N ALA B 35 5.34 65.67 9.10
CA ALA B 35 4.43 66.63 8.49
C ALA B 35 4.54 67.94 9.24
N LYS B 36 4.30 69.04 8.52
CA LYS B 36 4.41 70.37 9.12
C LYS B 36 3.41 70.50 10.26
N ASN B 37 3.89 70.98 11.42
CA ASN B 37 3.08 71.19 12.61
C ASN B 37 2.43 69.89 13.09
N LYS B 38 3.03 68.75 12.78
CA LYS B 38 2.51 67.46 13.18
C LYS B 38 3.60 66.64 13.86
N PRO B 39 3.24 65.76 14.79
CA PRO B 39 4.25 64.94 15.45
C PRO B 39 4.92 63.98 14.49
N THR B 40 6.23 63.82 14.65
CA THR B 40 6.98 62.83 13.89
C THR B 40 6.66 61.44 14.41
N LEU B 41 6.25 60.54 13.52
CA LEU B 41 5.80 59.21 13.94
C LEU B 41 6.73 58.13 13.42
N ASP B 42 6.81 57.05 14.20
CA ASP B 42 7.57 55.86 13.84
C ASP B 42 6.57 54.71 13.77
N ILE B 43 6.22 54.32 12.56
CA ILE B 43 5.24 53.28 12.29
C ILE B 43 5.97 52.02 11.87
N GLU B 44 5.43 50.87 12.29
CA GLU B 44 6.04 49.58 11.97
C GLU B 44 4.94 48.54 11.93
N LEU B 45 5.04 47.60 10.98
CA LEU B 45 4.14 46.46 10.91
C LEU B 45 4.71 45.36 11.80
N GLN B 46 4.07 45.14 12.95
CA GLN B 46 4.62 44.23 13.94
C GLN B 46 4.45 42.78 13.54
N LYS B 47 3.23 42.39 13.18
CA LYS B 47 2.96 40.99 12.90
C LYS B 47 1.76 40.87 11.98
N THR B 48 1.72 39.77 11.23
CA THR B 48 0.56 39.37 10.45
C THR B 48 0.17 37.96 10.86
N GLU B 49 -1.10 37.79 11.25
CA GLU B 49 -1.56 36.55 11.87
C GLU B 49 -2.75 35.99 11.12
N ALA B 50 -2.92 34.67 11.24
CA ALA B 50 -4.09 33.98 10.72
C ALA B 50 -5.02 33.62 11.86
N THR B 51 -6.28 34.00 11.73
CA THR B 51 -7.23 33.91 12.85
C THR B 51 -7.97 32.58 12.90
N GLN B 52 -8.63 32.19 11.81
CA GLN B 52 -9.57 31.06 11.80
C GLN B 52 -9.00 29.93 10.94
N LEU B 53 -8.22 29.05 11.56
CA LEU B 53 -7.58 27.95 10.85
C LEU B 53 -8.35 26.66 11.08
N ALA B 54 -8.66 25.96 9.99
CA ALA B 54 -9.31 24.66 10.02
C ALA B 54 -8.31 23.60 9.57
N THR B 55 -8.21 22.50 10.32
CA THR B 55 -7.28 21.44 9.99
C THR B 55 -7.80 20.66 8.78
N LEU B 56 -7.00 20.60 7.72
CA LEU B 56 -7.39 19.91 6.51
C LEU B 56 -7.02 18.43 6.55
N ARG B 57 -5.72 18.13 6.71
CA ARG B 57 -5.23 16.76 6.72
C ARG B 57 -4.11 16.64 7.72
N LYS B 58 -3.91 15.43 8.23
CA LYS B 58 -2.86 15.15 9.19
C LYS B 58 -2.03 14.00 8.63
N LEU B 59 -0.74 14.23 8.41
CA LEU B 59 0.11 13.31 7.67
C LEU B 59 1.12 12.64 8.59
N CYS B 60 1.34 11.34 8.38
CA CYS B 60 2.28 10.57 9.18
C CYS B 60 3.66 10.60 8.56
N ILE B 61 4.65 11.06 9.33
CA ILE B 61 6.03 11.08 8.88
C ILE B 61 6.88 10.00 9.56
N GLU B 62 6.40 9.40 10.64
CA GLU B 62 7.10 8.26 11.23
C GLU B 62 6.10 7.26 11.76
N GLY B 63 6.29 5.98 11.39
CA GLY B 63 5.38 4.93 11.79
C GLY B 63 6.13 3.73 12.34
N LYS B 64 5.35 2.85 13.00
CA LYS B 64 5.86 1.64 13.61
C LYS B 64 5.00 0.45 13.18
N ILE B 65 5.55 -0.75 13.35
CA ILE B 65 4.89 -1.98 12.94
C ILE B 65 4.96 -2.97 14.10
N THR B 66 3.82 -3.53 14.48
CA THR B 66 3.73 -4.51 15.55
C THR B 66 2.70 -5.57 15.17
N ASN B 67 2.63 -6.63 15.98
CA ASN B 67 1.66 -7.71 15.83
C ASN B 67 1.55 -8.17 14.38
N ILE B 68 2.65 -8.72 13.87
CA ILE B 68 2.68 -9.27 12.53
C ILE B 68 2.03 -10.65 12.54
N THR B 69 1.14 -10.88 11.59
CA THR B 69 0.48 -12.17 11.44
C THR B 69 0.58 -12.62 9.98
N THR B 70 0.43 -13.93 9.76
CA THR B 70 0.58 -14.48 8.43
C THR B 70 -0.26 -15.75 8.32
N ASP B 71 -0.75 -16.02 7.10
CA ASP B 71 -1.50 -17.22 6.81
C ASP B 71 -1.11 -17.75 5.44
N SER B 72 -1.00 -19.08 5.33
CA SER B 72 -0.61 -19.73 4.07
C SER B 72 -1.56 -20.87 3.76
N ARG B 73 -1.68 -21.16 2.47
CA ARG B 73 -2.52 -22.25 1.97
C ARG B 73 -1.70 -23.10 1.01
N CYS B 74 -2.07 -24.38 0.92
CA CYS B 74 -1.43 -25.26 -0.04
C CYS B 74 -1.94 -24.95 -1.44
N PRO B 75 -1.23 -25.41 -2.47
CA PRO B 75 -1.67 -25.14 -3.84
C PRO B 75 -3.07 -25.68 -4.10
N THR B 76 -3.79 -24.99 -4.99
CA THR B 76 -5.16 -25.30 -5.40
C THR B 76 -6.17 -25.18 -4.26
N GLN B 77 -5.77 -24.66 -3.11
CA GLN B 77 -6.67 -24.50 -1.98
C GLN B 77 -7.26 -23.11 -1.87
N GLY B 78 -6.96 -22.22 -2.81
CA GLY B 78 -7.47 -20.86 -2.77
C GLY B 78 -6.52 -19.91 -2.05
N GLU B 79 -6.87 -18.62 -2.12
CA GLU B 79 -6.05 -17.59 -1.50
C GLU B 79 -6.23 -17.60 0.01
N ALA B 80 -5.13 -17.36 0.73
CA ALA B 80 -5.15 -17.36 2.18
C ALA B 80 -5.85 -16.11 2.73
N ILE B 81 -6.39 -16.25 3.94
CA ILE B 81 -7.20 -15.22 4.56
C ILE B 81 -6.84 -15.10 6.04
N LEU B 82 -6.68 -13.86 6.50
CA LEU B 82 -6.49 -13.48 7.89
C LEU B 82 -7.61 -12.54 8.32
N PRO B 83 -8.00 -12.58 9.60
CA PRO B 83 -9.03 -11.63 10.06
C PRO B 83 -8.58 -10.18 9.97
N GLU B 84 -7.29 -9.91 10.16
CA GLU B 84 -6.77 -8.56 10.10
C GLU B 84 -6.96 -7.91 8.73
N GLU B 85 -7.28 -8.69 7.71
CA GLU B 85 -7.59 -8.11 6.40
C GLU B 85 -8.81 -7.20 6.45
N GLN B 86 -9.63 -7.31 7.50
CA GLN B 86 -10.79 -6.43 7.66
C GLN B 86 -10.52 -5.26 8.59
N ASP B 87 -9.33 -5.18 9.18
CA ASP B 87 -8.99 -4.11 10.11
C ASP B 87 -8.23 -3.03 9.34
N GLN B 88 -8.76 -1.80 9.39
CA GLN B 88 -8.11 -0.70 8.68
C GLN B 88 -6.81 -0.28 9.33
N ASN B 89 -6.50 -0.79 10.52
CA ASN B 89 -5.22 -0.52 11.15
C ASN B 89 -4.10 -1.39 10.61
N TYR B 90 -4.43 -2.48 9.93
CA TYR B 90 -3.43 -3.40 9.42
C TYR B 90 -3.25 -3.20 7.92
N VAL B 91 -2.01 -3.37 7.46
CA VAL B 91 -1.67 -3.40 6.05
C VAL B 91 -1.29 -4.83 5.70
N CYS B 92 -1.88 -5.36 4.63
CA CYS B 92 -1.71 -6.74 4.25
C CYS B 92 -1.21 -6.83 2.81
N LYS B 93 -0.56 -7.96 2.50
CA LYS B 93 -0.15 -8.23 1.13
C LYS B 93 -0.28 -9.73 0.86
N HIS B 94 -0.71 -10.03 -0.36
CA HIS B 94 -0.83 -11.39 -0.86
C HIS B 94 0.34 -11.70 -1.79
N THR B 95 0.82 -12.93 -1.72
CA THR B 95 1.93 -13.39 -2.55
C THR B 95 1.81 -14.91 -2.72
N TYR B 96 2.72 -15.47 -3.50
CA TYR B 96 2.75 -16.91 -3.73
C TYR B 96 4.15 -17.44 -3.47
N VAL B 97 4.21 -18.62 -2.85
CA VAL B 97 5.47 -19.21 -2.43
C VAL B 97 5.56 -20.65 -2.95
N ASP B 98 6.78 -21.18 -2.93
CA ASP B 98 7.02 -22.55 -3.38
C ASP B 98 6.53 -23.52 -2.32
N ARG B 99 5.58 -24.37 -2.68
CA ARG B 99 5.02 -25.35 -1.77
C ARG B 99 5.18 -26.76 -2.33
N GLY B 100 5.40 -27.70 -1.42
CA GLY B 100 5.58 -29.08 -1.80
C GLY B 100 5.62 -29.98 -0.58
N TRP B 101 6.06 -31.23 -0.81
CA TRP B 101 6.15 -32.19 0.28
C TRP B 101 7.04 -31.67 1.41
N GLY B 102 8.12 -30.98 1.06
CA GLY B 102 9.07 -30.53 2.07
C GLY B 102 8.49 -29.54 3.07
N ASN B 103 7.51 -28.75 2.65
CA ASN B 103 6.93 -27.73 3.51
C ASN B 103 5.46 -28.01 3.83
N GLY B 104 5.05 -29.27 3.75
CA GLY B 104 3.76 -29.67 4.30
C GLY B 104 2.58 -29.61 3.36
N CYS B 105 2.79 -29.75 2.05
CA CYS B 105 1.68 -29.82 1.10
C CYS B 105 1.83 -31.06 0.24
N GLY B 106 0.69 -31.69 -0.08
CA GLY B 106 0.73 -32.86 -0.93
C GLY B 106 1.01 -32.54 -2.38
N LEU B 107 0.62 -31.35 -2.84
CA LEU B 107 0.82 -30.94 -4.22
C LEU B 107 1.99 -29.99 -4.32
N PHE B 108 2.76 -30.12 -5.40
CA PHE B 108 3.85 -29.20 -5.68
C PHE B 108 3.35 -28.05 -6.54
N GLY B 109 3.64 -26.83 -6.12
CA GLY B 109 3.20 -25.69 -6.90
C GLY B 109 3.27 -24.43 -6.07
N LYS B 110 2.59 -23.40 -6.58
CA LYS B 110 2.58 -22.11 -5.93
C LYS B 110 1.42 -22.06 -4.93
N GLY B 111 1.74 -21.78 -3.68
CA GLY B 111 0.76 -21.71 -2.61
C GLY B 111 0.57 -20.27 -2.17
N SER B 112 -0.67 -19.92 -1.83
CA SER B 112 -0.98 -18.54 -1.45
C SER B 112 -0.47 -18.25 -0.05
N LEU B 113 -0.02 -17.01 0.16
CA LEU B 113 0.49 -16.54 1.43
C LEU B 113 0.07 -15.08 1.60
N VAL B 114 -0.35 -14.71 2.80
CA VAL B 114 -0.74 -13.33 3.08
C VAL B 114 -0.15 -12.92 4.43
N THR B 115 0.37 -11.70 4.48
CA THR B 115 0.93 -11.16 5.71
C THR B 115 0.24 -9.85 6.04
N CYS B 116 -0.03 -9.64 7.33
CA CYS B 116 -0.66 -8.42 7.81
C CYS B 116 0.14 -7.86 8.98
N ALA B 117 0.32 -6.54 8.98
CA ALA B 117 1.07 -5.85 10.01
C ALA B 117 0.27 -4.67 10.55
N LYS B 118 0.33 -4.46 11.86
CA LYS B 118 -0.40 -3.40 12.53
C LYS B 118 0.40 -2.11 12.46
N PHE B 119 -0.19 -1.08 11.86
CA PHE B 119 0.50 0.19 11.62
C PHE B 119 0.10 1.21 12.68
N GLN B 120 1.12 1.86 13.26
CA GLN B 120 0.91 2.88 14.28
C GLN B 120 1.80 4.07 13.96
N CYS B 121 1.23 5.25 13.91
CA CYS B 121 2.00 6.44 13.58
C CYS B 121 2.69 6.99 14.83
N LEU B 122 4.01 7.16 14.74
CA LEU B 122 4.82 7.71 15.84
C LEU B 122 4.95 9.22 15.77
N GLU B 123 5.14 9.77 14.58
CA GLU B 123 5.26 11.21 14.39
C GLU B 123 4.43 11.66 13.21
N SER B 124 3.81 12.84 13.37
CA SER B 124 2.84 13.34 12.42
C SER B 124 3.06 14.83 12.19
N ILE B 125 2.54 15.32 11.06
CA ILE B 125 2.54 16.74 10.73
C ILE B 125 1.11 17.13 10.37
N GLU B 126 0.78 18.42 10.54
CA GLU B 126 -0.58 18.86 10.27
C GLU B 126 -0.60 19.89 9.14
N GLY B 127 -1.71 19.92 8.41
CA GLY B 127 -1.89 20.90 7.36
C GLY B 127 -3.18 21.70 7.50
N LYS B 128 -3.09 22.92 8.04
CA LYS B 128 -4.27 23.75 8.25
C LYS B 128 -4.46 24.71 7.07
N VAL B 129 -5.71 25.09 6.83
CA VAL B 129 -6.02 25.97 5.71
C VAL B 129 -6.15 27.41 6.21
N VAL B 130 -5.58 28.34 5.44
CA VAL B 130 -5.55 29.75 5.78
C VAL B 130 -6.27 30.52 4.69
N GLN B 131 -7.18 31.40 5.07
CA GLN B 131 -7.89 32.27 4.14
C GLN B 131 -7.51 33.72 4.38
N HIS B 132 -7.23 34.45 3.30
CA HIS B 132 -6.80 35.84 3.42
C HIS B 132 -7.89 36.75 4.02
N GLU B 133 -9.16 36.37 3.93
CA GLU B 133 -10.23 37.14 4.56
C GLU B 133 -10.13 37.12 6.08
N ASN B 134 -9.30 36.26 6.65
CA ASN B 134 -9.23 36.04 8.09
C ASN B 134 -7.94 36.58 8.69
N LEU B 135 -7.09 37.20 7.88
CA LEU B 135 -5.81 37.73 8.32
C LEU B 135 -5.98 38.88 9.32
N LYS B 136 -5.05 38.96 10.28
CA LYS B 136 -5.01 40.02 11.29
C LYS B 136 -3.65 40.70 11.26
N TYR B 137 -3.65 42.00 10.99
CA TYR B 137 -2.43 42.81 10.97
C TYR B 137 -2.34 43.67 12.23
N THR B 138 -1.16 43.71 12.84
CA THR B 138 -0.91 44.55 14.01
C THR B 138 0.11 45.61 13.66
N VAL B 139 -0.28 46.88 13.80
CA VAL B 139 0.58 48.01 13.50
C VAL B 139 0.92 48.73 14.79
N ILE B 140 2.16 49.18 14.92
CA ILE B 140 2.63 49.85 16.13
C ILE B 140 3.15 51.24 15.75
N ILE B 141 2.70 52.24 16.51
CA ILE B 141 2.99 53.65 16.27
C ILE B 141 3.67 54.22 17.51
N THR B 142 4.78 54.91 17.30
CA THR B 142 5.54 55.52 18.40
C THR B 142 5.84 56.97 18.06
N VAL B 143 5.42 57.89 18.91
CA VAL B 143 5.65 59.31 18.68
C VAL B 143 7.06 59.68 19.09
N HIS B 144 7.63 60.68 18.41
CA HIS B 144 8.91 61.27 18.77
C HIS B 144 8.67 62.30 19.87
N THR B 145 8.74 61.86 21.12
CA THR B 145 8.50 62.74 22.25
C THR B 145 9.77 63.36 22.81
N GLY B 146 10.93 62.83 22.44
CA GLY B 146 12.20 63.24 23.01
C GLY B 146 12.53 62.58 24.33
N ASP B 147 11.70 61.65 24.78
CA ASP B 147 11.89 61.03 26.09
C ASP B 147 13.26 60.37 26.19
N GLN B 148 13.79 60.34 27.42
CA GLN B 148 15.13 59.80 27.67
C GLN B 148 15.26 58.37 27.19
N HIS B 149 14.30 57.51 27.55
CA HIS B 149 14.41 56.08 27.27
C HIS B 149 13.63 55.69 26.02
N GLN B 150 13.46 56.63 25.09
CA GLN B 150 12.64 56.41 23.91
C GLN B 150 13.43 55.85 22.74
N VAL B 151 14.72 56.20 22.65
CA VAL B 151 15.58 55.82 21.54
C VAL B 151 15.69 54.31 21.44
N GLY B 152 15.14 53.74 20.37
CA GLY B 152 15.23 52.31 20.13
C GLY B 152 14.44 51.45 21.09
N ASN B 153 13.68 52.06 21.99
CA ASN B 153 12.88 51.30 22.95
C ASN B 153 11.65 50.76 22.25
N GLU B 154 11.51 49.43 22.24
CA GLU B 154 10.37 48.78 21.62
C GLU B 154 9.27 48.44 22.63
N THR B 155 9.38 48.94 23.86
CA THR B 155 8.34 48.72 24.86
C THR B 155 7.17 49.68 24.65
N GLN B 156 7.47 50.91 24.27
CA GLN B 156 6.47 51.95 24.09
C GLN B 156 5.90 51.91 22.69
N GLY B 157 4.63 52.31 22.58
CA GLY B 157 3.96 52.36 21.30
C GLY B 157 2.51 51.96 21.40
N VAL B 158 1.65 52.59 20.61
CA VAL B 158 0.24 52.25 20.55
C VAL B 158 0.03 51.31 19.38
N THR B 159 -0.64 50.19 19.62
CA THR B 159 -0.93 49.23 18.58
C THR B 159 -2.36 49.39 18.08
N ALA B 160 -2.56 49.09 16.81
CA ALA B 160 -3.85 49.13 16.14
C ALA B 160 -3.96 47.90 15.26
N GLU B 161 -5.16 47.32 15.21
CA GLU B 161 -5.40 46.10 14.45
C GLU B 161 -6.14 46.42 13.16
N ILE B 162 -5.61 45.91 12.05
CA ILE B 162 -6.21 46.06 10.72
C ILE B 162 -6.65 44.68 10.26
N THR B 163 -7.89 44.57 9.81
CA THR B 163 -8.40 43.34 9.22
C THR B 163 -9.10 43.67 7.91
N SER B 164 -9.29 42.63 7.10
CA SER B 164 -9.96 42.83 5.81
C SER B 164 -11.33 43.47 5.97
N GLN B 165 -12.01 43.22 7.09
CA GLN B 165 -13.31 43.84 7.34
C GLN B 165 -13.16 45.22 7.98
N ALA B 166 -12.33 45.33 9.01
CA ALA B 166 -12.07 46.60 9.68
C ALA B 166 -10.74 47.14 9.15
N SER B 167 -10.80 47.73 7.96
CA SER B 167 -9.60 48.25 7.30
C SER B 167 -9.20 49.61 7.86
N THR B 168 -10.17 50.49 8.13
CA THR B 168 -9.89 51.80 8.72
C THR B 168 -10.03 51.71 10.24
N ALA B 169 -9.05 52.26 10.97
CA ALA B 169 -9.04 52.21 12.42
C ALA B 169 -8.47 53.51 12.97
N GLU B 170 -8.84 53.84 14.20
CA GLU B 170 -8.35 55.02 14.89
C GLU B 170 -7.48 54.60 16.06
N ALA B 171 -6.34 55.27 16.20
CA ALA B 171 -5.37 54.99 17.26
C ALA B 171 -5.24 56.22 18.14
N ILE B 172 -5.47 56.05 19.43
CA ILE B 172 -5.41 57.15 20.39
C ILE B 172 -3.97 57.29 20.84
N LEU B 173 -3.34 58.40 20.48
CA LEU B 173 -1.97 58.68 20.89
C LEU B 173 -2.03 59.65 22.06
N PRO B 174 -1.70 59.21 23.27
CA PRO B 174 -1.87 60.07 24.45
C PRO B 174 -0.97 61.30 24.37
N GLU B 175 -1.58 62.45 24.66
CA GLU B 175 -0.98 63.79 24.64
C GLU B 175 -0.74 64.31 23.23
N TYR B 176 -1.05 63.55 22.18
CA TYR B 176 -0.86 64.04 20.83
C TYR B 176 -2.11 63.97 19.95
N GLY B 177 -3.17 63.27 20.37
CA GLY B 177 -4.44 63.30 19.69
C GLY B 177 -4.83 61.94 19.16
N THR B 178 -5.41 61.92 17.96
CA THR B 178 -5.92 60.69 17.35
C THR B 178 -5.38 60.55 15.94
N LEU B 179 -4.82 59.38 15.66
CA LEU B 179 -4.31 59.05 14.34
C LEU B 179 -5.31 58.19 13.59
N GLY B 180 -5.49 58.47 12.31
CA GLY B 180 -6.33 57.66 11.44
C GLY B 180 -5.47 56.77 10.57
N LEU B 181 -5.88 55.50 10.48
CA LEU B 181 -5.22 54.52 9.62
C LEU B 181 -6.24 53.97 8.63
N GLU B 182 -6.07 54.32 7.35
CA GLU B 182 -6.91 53.84 6.26
C GLU B 182 -6.05 52.90 5.41
N CYS B 183 -6.03 51.62 5.77
CA CYS B 183 -5.17 50.63 5.14
C CYS B 183 -5.95 49.77 4.15
N SER B 184 -5.24 49.18 3.21
CA SER B 184 -5.82 48.26 2.23
C SER B 184 -5.01 46.97 2.24
N PRO B 185 -5.52 45.91 2.89
CA PRO B 185 -4.76 44.66 3.01
C PRO B 185 -4.70 43.91 1.69
N ARG B 186 -3.61 44.04 0.95
CA ARG B 186 -3.42 43.23 -0.25
C ARG B 186 -2.47 42.07 0.04
N THR B 187 -2.97 40.85 -0.10
CA THR B 187 -2.18 39.64 0.06
C THR B 187 -1.55 39.23 -1.26
N GLY B 188 -2.34 39.25 -2.33
CA GLY B 188 -1.88 38.85 -3.65
C GLY B 188 -1.99 37.35 -3.88
N LEU B 189 -1.15 36.57 -3.23
CA LEU B 189 -1.24 35.12 -3.39
C LEU B 189 -2.62 34.66 -2.96
N ASP B 190 -3.07 33.54 -3.52
CA ASP B 190 -4.38 33.02 -3.18
C ASP B 190 -4.19 32.06 -2.00
N PHE B 191 -4.78 32.41 -0.87
CA PHE B 191 -4.59 31.61 0.34
C PHE B 191 -5.42 30.33 0.34
N ASN B 192 -6.51 30.28 -0.42
CA ASN B 192 -7.18 29.00 -0.62
C ASN B 192 -6.27 28.02 -1.35
N GLU B 193 -5.41 28.53 -2.23
CA GLU B 193 -4.41 27.72 -2.92
C GLU B 193 -3.25 27.32 -1.99
N MET B 194 -3.18 27.90 -0.80
CA MET B 194 -2.06 27.72 0.11
C MET B 194 -2.50 27.01 1.38
N ILE B 195 -1.57 26.24 1.96
CA ILE B 195 -1.77 25.48 3.17
C ILE B 195 -0.66 25.82 4.15
N LEU B 196 -1.02 26.03 5.41
CA LEU B 196 -0.06 26.22 6.48
C LEU B 196 0.31 24.85 7.01
N LEU B 197 1.52 24.41 6.69
CA LEU B 197 2.04 23.13 7.14
C LEU B 197 2.76 23.32 8.46
N THR B 198 2.36 22.59 9.49
CA THR B 198 2.98 22.70 10.80
C THR B 198 3.64 21.38 11.15
N MET B 199 4.93 21.47 11.50
CA MET B 199 5.75 20.31 11.83
C MET B 199 6.54 20.65 13.09
N LYS B 200 6.21 19.99 14.19
CA LYS B 200 6.81 20.24 15.50
C LYS B 200 6.70 21.75 15.79
N ASN B 201 7.81 22.43 16.10
CA ASN B 201 7.76 23.86 16.35
C ASN B 201 7.58 24.64 15.05
N LYS B 202 8.20 24.17 13.98
CA LYS B 202 8.32 24.93 12.75
C LYS B 202 7.02 24.91 11.95
N ALA B 203 6.89 25.89 11.06
CA ALA B 203 5.74 25.96 10.16
C ALA B 203 6.18 26.58 8.84
N TRP B 204 5.45 26.24 7.78
CA TRP B 204 5.72 26.72 6.44
C TRP B 204 4.41 27.00 5.74
N MET B 205 4.51 27.69 4.61
CA MET B 205 3.37 27.96 3.73
C MET B 205 3.66 27.29 2.40
N VAL B 206 2.80 26.35 2.01
CA VAL B 206 3.07 25.53 0.83
C VAL B 206 1.83 25.52 -0.06
N HIS B 207 2.00 24.98 -1.26
CA HIS B 207 0.90 24.88 -2.20
C HIS B 207 -0.06 23.76 -1.79
N ARG B 208 -1.35 24.01 -2.00
CA ARG B 208 -2.37 23.05 -1.61
C ARG B 208 -2.14 21.70 -2.31
N GLN B 209 -2.01 21.73 -3.64
CA GLN B 209 -1.83 20.49 -4.39
C GLN B 209 -0.55 19.78 -3.96
N TRP B 210 0.52 20.54 -3.74
CA TRP B 210 1.77 19.95 -3.28
C TRP B 210 1.58 19.23 -1.95
N PHE B 211 0.80 19.83 -1.05
CA PHE B 211 0.49 19.19 0.22
C PHE B 211 -0.31 17.91 0.00
N PHE B 212 -1.26 17.94 -0.94
CA PHE B 212 -2.08 16.78 -1.25
C PHE B 212 -1.26 15.68 -1.91
N ASP B 213 -0.23 16.03 -2.68
CA ASP B 213 0.60 15.05 -3.36
C ASP B 213 1.82 14.62 -2.54
N LEU B 214 1.81 14.86 -1.23
CA LEU B 214 2.91 14.39 -0.39
C LEU B 214 2.82 12.88 -0.21
N PRO B 215 3.88 12.14 -0.51
CA PRO B 215 3.83 10.66 -0.47
C PRO B 215 3.88 10.13 0.96
N LEU B 216 2.83 10.43 1.73
CA LEU B 216 2.76 10.06 3.13
C LEU B 216 1.36 9.57 3.46
N PRO B 217 1.22 8.74 4.48
CA PRO B 217 -0.12 8.39 4.95
C PRO B 217 -0.80 9.58 5.60
N TRP B 218 -2.12 9.69 5.43
CA TRP B 218 -2.88 10.85 5.87
C TRP B 218 -4.17 10.41 6.56
N THR B 219 -4.72 11.32 7.36
CA THR B 219 -5.93 11.10 8.14
C THR B 219 -6.67 12.43 8.27
N SER B 220 -7.98 12.35 8.56
CA SER B 220 -8.81 13.53 8.67
C SER B 220 -8.37 14.40 9.85
N GLY B 221 -8.84 15.65 9.84
CA GLY B 221 -8.41 16.63 10.83
C GLY B 221 -8.82 16.35 12.26
N ALA B 222 -9.97 15.73 12.47
CA ALA B 222 -10.46 15.51 13.83
C ALA B 222 -9.48 14.68 14.66
N THR B 223 -9.15 15.19 15.85
CA THR B 223 -8.19 14.52 16.72
C THR B 223 -8.84 13.30 17.37
N THR B 224 -8.15 12.16 17.29
CA THR B 224 -8.65 10.91 17.83
C THR B 224 -7.52 10.11 18.47
N LYS B 225 -7.88 9.38 19.52
CA LYS B 225 -6.98 8.39 20.09
C LYS B 225 -6.64 7.31 19.08
N THR B 226 -7.61 6.93 18.27
CA THR B 226 -7.43 5.90 17.23
C THR B 226 -7.73 6.48 15.86
N PRO B 227 -6.73 6.90 15.09
CA PRO B 227 -6.98 7.38 13.72
C PRO B 227 -6.86 6.26 12.70
N THR B 228 -7.47 6.50 11.55
CA THR B 228 -7.44 5.57 10.42
C THR B 228 -6.61 6.20 9.31
N TRP B 229 -5.47 5.58 8.99
CA TRP B 229 -4.54 6.13 8.02
C TRP B 229 -4.82 5.54 6.64
N ASN B 230 -4.68 6.37 5.62
CA ASN B 230 -4.79 5.96 4.23
C ASN B 230 -3.43 6.00 3.57
N ARG B 231 -3.28 5.22 2.50
N ARG B 231 -3.29 5.24 2.48
CA ARG B 231 -2.02 5.14 1.75
CA ARG B 231 -2.03 5.13 1.75
C ARG B 231 -0.89 4.66 2.64
C ARG B 231 -0.89 4.67 2.65
N LYS B 232 -1.18 3.68 3.51
CA LYS B 232 -0.17 3.18 4.44
C LYS B 232 0.96 2.44 3.73
N GLU B 233 0.76 1.98 2.49
CA GLU B 233 1.86 1.32 1.79
C GLU B 233 2.97 2.29 1.42
N LEU B 234 2.74 3.60 1.56
CA LEU B 234 3.79 4.56 1.29
C LEU B 234 4.88 4.55 2.34
N LEU B 235 4.63 3.93 3.49
CA LEU B 235 5.65 3.76 4.50
C LEU B 235 5.92 2.30 4.82
N VAL B 236 5.05 1.39 4.38
CA VAL B 236 5.16 -0.03 4.68
C VAL B 236 5.40 -0.76 3.37
N THR B 237 6.49 -1.52 3.31
CA THR B 237 6.85 -2.28 2.12
C THR B 237 6.97 -3.76 2.50
N PHE B 238 6.42 -4.62 1.64
CA PHE B 238 6.55 -6.06 1.79
C PHE B 238 7.53 -6.57 0.73
N LYS B 239 8.52 -7.32 1.17
CA LYS B 239 9.52 -7.89 0.28
C LYS B 239 9.48 -9.42 0.38
N ASN B 240 9.46 -10.07 -0.79
CA ASN B 240 9.53 -11.52 -0.92
C ASN B 240 10.63 -11.78 -1.94
N ALA B 241 11.83 -12.11 -1.47
CA ALA B 241 12.97 -12.22 -2.37
C ALA B 241 12.97 -13.54 -3.14
N HIS B 242 12.91 -14.66 -2.43
CA HIS B 242 13.11 -15.97 -3.05
C HIS B 242 12.06 -16.99 -2.64
N ALA B 243 10.84 -16.54 -2.33
CA ALA B 243 9.68 -17.39 -2.10
C ALA B 243 9.80 -18.29 -0.88
N LYS B 244 10.68 -17.97 0.06
CA LYS B 244 10.73 -18.76 1.29
C LYS B 244 9.82 -18.17 2.36
N LYS B 245 9.78 -16.85 2.46
CA LYS B 245 8.69 -16.14 3.12
C LYS B 245 8.72 -14.69 2.65
N GLN B 246 7.97 -13.85 3.35
CA GLN B 246 7.79 -12.46 2.96
C GLN B 246 7.84 -11.61 4.23
N GLU B 247 8.58 -10.51 4.20
CA GLU B 247 8.74 -9.69 5.39
C GLU B 247 8.29 -8.26 5.13
N VAL B 248 7.96 -7.59 6.23
CA VAL B 248 7.36 -6.27 6.22
C VAL B 248 8.31 -5.31 6.89
N VAL B 249 8.56 -4.17 6.24
CA VAL B 249 9.49 -3.18 6.76
C VAL B 249 8.88 -1.79 6.62
N VAL B 250 9.23 -0.92 7.57
CA VAL B 250 8.78 0.47 7.58
C VAL B 250 9.87 1.32 6.97
N LEU B 251 9.47 2.44 6.37
CA LEU B 251 10.38 3.24 5.57
C LEU B 251 11.31 4.12 6.40
N GLY B 252 10.94 4.45 7.64
CA GLY B 252 11.78 5.29 8.47
C GLY B 252 11.33 6.75 8.46
N SER B 253 11.93 7.51 9.36
CA SER B 253 11.49 8.89 9.59
C SER B 253 11.68 9.75 8.35
N GLN B 254 10.62 10.47 7.96
CA GLN B 254 10.67 11.37 6.82
C GLN B 254 10.84 12.83 7.25
N GLU B 255 11.26 13.07 8.50
CA GLU B 255 11.39 14.43 9.00
C GLU B 255 12.39 15.23 8.16
N GLY B 256 13.63 14.74 8.07
CA GLY B 256 14.64 15.45 7.29
C GLY B 256 14.30 15.54 5.83
N ALA B 257 13.62 14.53 5.28
CA ALA B 257 13.17 14.61 3.89
C ALA B 257 12.20 15.77 3.71
N MET B 258 11.25 15.91 4.65
CA MET B 258 10.34 17.04 4.60
C MET B 258 11.09 18.36 4.72
N HIS B 259 12.06 18.43 5.64
CA HIS B 259 12.84 19.66 5.78
C HIS B 259 13.55 20.03 4.48
N THR B 260 14.12 19.04 3.80
CA THR B 260 14.79 19.32 2.53
C THR B 260 13.79 19.80 1.50
N ALA B 261 12.63 19.16 1.43
CA ALA B 261 11.61 19.57 0.45
C ALA B 261 11.08 20.97 0.73
N LEU B 262 11.16 21.42 1.98
CA LEU B 262 10.62 22.72 2.39
C LEU B 262 11.66 23.84 2.36
N THR B 263 12.83 23.60 1.78
CA THR B 263 13.87 24.63 1.79
C THR B 263 13.43 25.89 1.05
N GLY B 264 12.80 25.72 -0.12
CA GLY B 264 12.38 26.86 -0.90
C GLY B 264 10.99 27.35 -0.57
N ALA B 265 10.47 26.98 0.60
CA ALA B 265 9.13 27.38 1.03
C ALA B 265 9.21 28.47 2.09
N THR B 266 8.13 29.23 2.20
CA THR B 266 8.09 30.34 3.15
C THR B 266 7.96 29.81 4.57
N GLU B 267 8.90 30.21 5.42
CA GLU B 267 8.93 29.73 6.80
C GLU B 267 8.20 30.72 7.69
N ILE B 268 7.61 30.20 8.76
CA ILE B 268 6.69 30.96 9.60
C ILE B 268 7.17 30.86 11.05
N GLN B 269 7.21 32.00 11.74
CA GLN B 269 7.59 32.05 13.14
C GLN B 269 6.46 31.53 14.02
N THR B 270 6.81 30.69 14.99
CA THR B 270 5.84 30.21 15.97
C THR B 270 6.39 30.33 17.39
N THR B 274 -0.53 31.54 17.52
CA THR B 274 0.89 31.89 17.40
C THR B 274 1.41 31.66 15.99
N SER B 275 0.73 32.25 15.00
CA SER B 275 1.13 32.13 13.60
C SER B 275 1.43 33.53 13.07
N ILE B 276 2.71 33.80 12.78
CA ILE B 276 3.16 35.12 12.39
C ILE B 276 3.70 35.03 10.96
N PHE B 277 3.11 35.80 10.05
CA PHE B 277 3.55 35.85 8.66
C PHE B 277 4.48 37.04 8.46
N ALA B 278 5.28 36.95 7.40
CA ALA B 278 6.05 38.09 6.89
C ALA B 278 5.24 38.69 5.76
N GLY B 279 4.72 39.91 5.97
CA GLY B 279 3.84 40.51 4.99
C GLY B 279 4.02 42.00 4.79
N HIS B 280 3.04 42.63 4.14
CA HIS B 280 3.08 44.06 3.88
C HIS B 280 1.67 44.62 3.95
N LEU B 281 1.58 45.94 4.04
CA LEU B 281 0.31 46.62 4.20
C LEU B 281 0.49 48.07 3.75
N LYS B 282 -0.42 48.55 2.92
CA LYS B 282 -0.38 49.93 2.45
C LYS B 282 -1.41 50.73 3.24
N CYS B 283 -0.98 51.86 3.80
CA CYS B 283 -1.85 52.64 4.68
C CYS B 283 -1.78 54.12 4.35
N ARG B 284 -2.89 54.80 4.61
CA ARG B 284 -2.98 56.25 4.54
C ARG B 284 -3.20 56.75 5.97
N LEU B 285 -2.26 57.54 6.46
CA LEU B 285 -2.34 58.07 7.82
C LEU B 285 -2.97 59.45 7.78
N LYS B 286 -4.12 59.58 8.42
CA LYS B 286 -4.81 60.86 8.56
C LYS B 286 -4.41 61.49 9.88
N MET B 287 -3.78 62.66 9.81
CA MET B 287 -3.26 63.36 10.98
C MET B 287 -4.01 64.65 11.29
N ASP B 288 -5.23 64.79 10.78
CA ASP B 288 -5.99 66.01 11.02
C ASP B 288 -6.29 66.21 12.50
N LYS B 289 -6.55 65.12 13.23
CA LYS B 289 -6.80 65.20 14.67
C LYS B 289 -5.53 65.04 15.50
N LEU B 290 -4.37 64.96 14.86
CA LEU B 290 -3.11 64.94 15.58
C LEU B 290 -2.67 66.36 15.90
N LYS B 291 -2.15 66.56 17.10
CA LYS B 291 -1.78 67.89 17.57
C LYS B 291 -0.39 67.83 18.19
N LEU B 292 0.44 68.82 17.88
CA LEU B 292 1.79 68.89 18.43
C LEU B 292 1.73 69.40 19.87
N LYS B 293 2.40 68.68 20.77
CA LYS B 293 2.22 68.87 22.21
C LYS B 293 2.59 70.29 22.64
N GLY B 294 3.82 70.70 22.37
CA GLY B 294 4.31 71.93 22.96
C GLY B 294 4.47 73.11 22.02
N MET B 295 3.52 73.28 21.09
CA MET B 295 3.61 74.39 20.14
C MET B 295 3.33 75.74 20.81
N SER B 296 2.55 75.76 21.88
CA SER B 296 2.25 77.00 22.58
C SER B 296 3.25 77.34 23.67
N TYR B 297 4.29 76.53 23.85
CA TYR B 297 5.29 76.80 24.87
C TYR B 297 6.16 77.98 24.45
N ALA B 298 6.74 78.64 25.46
CA ALA B 298 7.70 79.68 25.19
C ALA B 298 9.09 79.07 24.96
N MET B 299 10.02 79.89 24.49
CA MET B 299 11.36 79.39 24.25
C MET B 299 12.08 79.13 25.57
N CYS B 300 13.01 78.19 25.55
CA CYS B 300 13.84 77.95 26.73
C CYS B 300 14.88 79.05 26.82
N LEU B 301 14.82 79.82 27.90
CA LEU B 301 15.68 80.98 28.06
C LEU B 301 17.06 80.65 28.62
N ASN B 302 17.27 79.45 29.14
CA ASN B 302 18.54 79.13 29.78
C ASN B 302 19.45 78.30 28.87
N THR B 303 20.32 77.50 29.47
CA THR B 303 21.40 76.83 28.75
C THR B 303 21.16 75.33 28.67
N PHE B 304 21.67 74.72 27.60
CA PHE B 304 21.63 73.29 27.40
C PHE B 304 23.02 72.70 27.48
N VAL B 305 23.12 71.47 28.00
CA VAL B 305 24.39 70.77 28.13
C VAL B 305 24.27 69.40 27.49
N LEU B 306 25.28 69.02 26.71
CA LEU B 306 25.27 67.72 26.04
C LEU B 306 25.51 66.61 27.05
N LYS B 307 24.56 65.68 27.17
CA LYS B 307 24.68 64.60 28.14
C LYS B 307 25.25 63.31 27.55
N LYS B 308 25.28 63.19 26.22
CA LYS B 308 25.87 62.02 25.59
C LYS B 308 26.54 62.45 24.30
N GLU B 309 27.55 61.69 23.90
CA GLU B 309 28.24 61.96 22.64
C GLU B 309 27.26 61.89 21.48
N VAL B 310 27.26 62.94 20.64
CA VAL B 310 26.41 62.94 19.46
C VAL B 310 26.91 61.88 18.49
N SER B 311 26.01 60.98 18.07
CA SER B 311 26.36 59.90 17.17
C SER B 311 25.42 59.90 15.98
N GLU B 312 25.92 59.38 14.86
CA GLU B 312 25.23 59.42 13.58
C GLU B 312 24.46 58.12 13.35
N THR B 313 23.26 58.25 12.79
CA THR B 313 22.46 57.11 12.39
C THR B 313 23.01 56.57 11.07
N GLN B 314 22.66 55.31 10.76
CA GLN B 314 23.08 54.71 9.50
C GLN B 314 22.58 55.50 8.29
N HIS B 315 21.52 56.29 8.45
CA HIS B 315 20.93 57.07 7.38
C HIS B 315 21.36 58.53 7.38
N GLY B 316 22.45 58.86 8.07
CA GLY B 316 23.01 60.19 8.04
C GLY B 316 22.49 61.14 9.10
N THR B 317 21.37 60.83 9.74
CA THR B 317 20.86 61.68 10.80
C THR B 317 21.71 61.51 12.06
N ILE B 318 21.61 62.49 12.95
CA ILE B 318 22.37 62.50 14.19
C ILE B 318 21.41 62.54 15.37
N LEU B 319 21.85 61.97 16.48
CA LEU B 319 21.08 61.93 17.72
C LEU B 319 21.78 62.76 18.78
N ILE B 320 21.06 63.70 19.37
CA ILE B 320 21.58 64.66 20.33
C ILE B 320 20.81 64.49 21.62
N LYS B 321 21.52 64.17 22.70
CA LYS B 321 20.91 64.04 24.03
C LYS B 321 21.36 65.23 24.86
N VAL B 322 20.42 66.11 25.20
CA VAL B 322 20.73 67.32 25.94
C VAL B 322 20.00 67.33 27.26
N GLU B 323 20.58 68.03 28.23
CA GLU B 323 19.98 68.25 29.55
C GLU B 323 19.84 69.75 29.75
N TYR B 324 18.68 70.17 30.23
CA TYR B 324 18.37 71.58 30.42
C TYR B 324 18.77 72.03 31.82
N LYS B 325 19.34 73.23 31.92
CA LYS B 325 19.81 73.79 33.18
C LYS B 325 19.00 75.01 33.60
N GLY B 326 17.72 75.05 33.24
CA GLY B 326 16.86 76.16 33.55
C GLY B 326 15.62 75.74 34.34
N GLU B 327 14.86 76.75 34.75
CA GLU B 327 13.68 76.55 35.59
C GLU B 327 12.37 76.91 34.88
N ASP B 328 12.42 77.21 33.58
CA ASP B 328 11.22 77.63 32.86
C ASP B 328 10.50 76.47 32.18
N ALA B 329 11.01 75.25 32.32
CA ALA B 329 10.35 74.07 31.74
C ALA B 329 8.93 73.93 32.28
N PRO B 330 7.97 73.61 31.39
CA PRO B 330 8.18 73.20 30.00
C PRO B 330 8.40 74.37 29.05
N CYS B 331 9.33 74.21 28.12
CA CYS B 331 9.65 75.26 27.15
C CYS B 331 10.07 74.61 25.84
N LYS B 332 10.08 75.41 24.78
CA LYS B 332 10.54 74.96 23.47
C LYS B 332 12.06 75.02 23.40
N ILE B 333 12.66 73.97 22.84
CA ILE B 333 14.11 73.92 22.70
C ILE B 333 14.51 74.74 21.49
N PRO B 334 15.29 75.82 21.66
CA PRO B 334 15.76 76.58 20.49
C PRO B 334 16.75 75.74 19.69
N PHE B 335 16.49 75.60 18.39
CA PHE B 335 17.29 74.76 17.52
C PHE B 335 17.52 75.50 16.21
N SER B 336 18.79 75.65 15.82
CA SER B 336 19.10 76.36 14.58
C SER B 336 20.42 75.87 14.03
N THR B 337 20.54 75.88 12.70
CA THR B 337 21.73 75.39 12.01
C THR B 337 22.45 76.57 11.35
N GLU B 338 23.74 76.73 11.68
CA GLU B 338 24.59 77.71 11.03
C GLU B 338 25.46 77.03 9.98
N GLY B 347 19.73 72.13 6.53
CA GLY B 347 19.64 71.57 7.86
C GLY B 347 18.24 71.59 8.43
N ARG B 348 17.71 70.41 8.76
CA ARG B 348 16.35 70.29 9.26
C ARG B 348 16.32 69.33 10.44
N LEU B 349 15.16 69.24 11.07
CA LEU B 349 14.90 68.33 12.18
C LEU B 349 14.08 67.15 11.70
N ILE B 350 14.43 65.96 12.19
CA ILE B 350 13.52 64.82 12.06
C ILE B 350 12.46 64.87 13.14
N THR B 351 12.88 65.05 14.39
CA THR B 351 11.96 65.15 15.50
C THR B 351 11.29 66.52 15.46
N ALA B 352 9.96 66.53 15.45
CA ALA B 352 9.20 67.77 15.35
C ALA B 352 8.95 68.34 16.73
N ASN B 353 9.21 69.64 16.87
CA ASN B 353 8.97 70.40 18.10
C ASN B 353 9.63 69.75 19.31
N PRO B 354 10.96 69.73 19.39
CA PRO B 354 11.60 69.21 20.61
C PRO B 354 11.30 70.13 21.78
N VAL B 355 10.88 69.54 22.91
CA VAL B 355 10.53 70.31 24.09
C VAL B 355 11.14 69.66 25.31
N VAL B 356 11.35 70.48 26.34
CA VAL B 356 11.76 70.00 27.66
C VAL B 356 10.52 69.92 28.53
N THR B 357 10.31 68.78 29.17
CA THR B 357 9.17 68.61 30.06
C THR B 357 9.55 68.79 31.52
N LYS B 358 10.66 68.20 31.95
CA LYS B 358 11.17 68.36 33.30
C LYS B 358 12.67 68.61 33.23
N LYS B 359 13.14 69.48 34.12
CA LYS B 359 14.56 69.84 34.12
C LYS B 359 15.45 68.62 34.32
N GLU B 360 15.03 67.70 35.17
CA GLU B 360 15.87 66.55 35.51
C GLU B 360 15.90 65.49 34.41
N GLU B 361 14.91 65.47 33.51
CA GLU B 361 14.84 64.45 32.47
C GLU B 361 15.47 64.95 31.19
N PRO B 362 16.47 64.26 30.65
CA PRO B 362 17.09 64.69 29.38
C PRO B 362 16.11 64.60 28.22
N VAL B 363 16.52 65.20 27.10
CA VAL B 363 15.73 65.24 25.88
C VAL B 363 16.58 64.69 24.74
N ASN B 364 16.00 63.81 23.94
CA ASN B 364 16.64 63.26 22.75
C ASN B 364 16.05 63.92 21.51
N ILE B 365 16.91 64.38 20.62
CA ILE B 365 16.52 65.04 19.38
C ILE B 365 17.20 64.35 18.22
N GLU B 366 16.44 64.00 17.19
CA GLU B 366 17.00 63.49 15.95
C GLU B 366 17.00 64.62 14.92
N ALA B 367 18.17 64.90 14.35
CA ALA B 367 18.31 65.98 13.39
C ALA B 367 18.96 65.46 12.12
N GLU B 368 18.70 66.18 11.02
CA GLU B 368 19.28 65.86 9.71
C GLU B 368 20.21 67.00 9.31
N PRO B 369 21.51 66.90 9.61
CA PRO B 369 22.44 67.98 9.25
C PRO B 369 22.76 67.93 7.77
N PRO B 370 23.09 69.06 7.16
CA PRO B 370 23.47 69.06 5.75
C PRO B 370 24.84 68.44 5.56
N PHE B 371 25.11 68.05 4.32
CA PHE B 371 26.42 67.49 3.99
C PHE B 371 27.50 68.53 4.20
N GLY B 372 28.65 68.09 4.72
CA GLY B 372 29.73 69.02 5.01
C GLY B 372 29.71 69.51 6.44
N GLU B 373 30.37 70.65 6.64
CA GLU B 373 30.46 71.25 7.96
C GLU B 373 29.20 72.06 8.27
N SER B 374 28.71 71.90 9.50
CA SER B 374 27.55 72.64 9.99
C SER B 374 27.68 72.81 11.48
N ASN B 375 27.06 73.87 12.00
CA ASN B 375 27.11 74.18 13.42
C ASN B 375 25.69 74.07 14.00
N ILE B 376 25.52 73.17 14.95
CA ILE B 376 24.22 72.97 15.61
C ILE B 376 24.16 73.86 16.83
N VAL B 377 23.23 74.81 16.82
CA VAL B 377 23.03 75.76 17.91
C VAL B 377 21.77 75.35 18.66
N ILE B 378 21.96 74.93 19.91
CA ILE B 378 20.86 74.56 20.81
C ILE B 378 20.87 75.55 21.95
N GLY B 379 19.75 76.24 22.14
CA GLY B 379 19.67 77.33 23.10
C GLY B 379 19.67 78.68 22.40
N ILE B 380 19.58 79.73 23.23
CA ILE B 380 19.47 81.08 22.71
C ILE B 380 20.56 81.94 23.36
N GLY B 381 21.06 82.90 22.58
CA GLY B 381 22.03 83.87 23.06
C GLY B 381 23.47 83.49 22.78
N ASP B 382 24.36 84.20 23.47
CA ASP B 382 25.80 83.98 23.27
C ASP B 382 26.26 82.68 23.91
N LYS B 383 25.80 82.41 25.13
CA LYS B 383 26.19 81.23 25.88
C LYS B 383 25.46 79.95 25.44
N ALA B 384 24.87 79.94 24.25
CA ALA B 384 24.15 78.78 23.76
C ALA B 384 25.11 77.67 23.37
N LEU B 385 24.59 76.44 23.39
CA LEU B 385 25.39 75.26 23.08
C LEU B 385 25.66 75.18 21.58
N LYS B 386 26.94 75.07 21.21
CA LYS B 386 27.38 75.01 19.83
C LYS B 386 28.09 73.68 19.61
N ILE B 387 27.52 72.84 18.77
CA ILE B 387 28.08 71.53 18.45
C ILE B 387 28.48 71.56 16.98
N ASN B 388 29.78 71.56 16.72
CA ASN B 388 30.28 71.49 15.36
C ASN B 388 30.17 70.06 14.86
N TRP B 389 29.77 69.90 13.61
CA TRP B 389 29.59 68.58 13.03
C TRP B 389 30.00 68.60 11.57
N TYR B 390 30.53 67.48 11.11
CA TYR B 390 30.88 67.28 9.71
C TYR B 390 30.16 66.03 9.24
N ARG B 391 29.42 66.14 8.15
CA ARG B 391 28.74 65.00 7.55
C ARG B 391 29.50 64.61 6.29
N LYS B 392 29.98 63.36 6.28
CA LYS B 392 30.75 62.87 5.15
C LYS B 392 29.80 62.21 4.17
N GLY B 393 29.85 62.65 2.92
CA GLY B 393 28.98 62.12 1.89
C GLY B 393 29.56 60.94 1.16
N PHE B 394 28.67 60.19 0.51
CA PHE B 394 29.06 59.09 -0.35
C PHE B 394 27.93 58.80 -1.34
N MET C 1 17.82 -34.54 -2.94
CA MET C 1 16.48 -34.06 -3.25
C MET C 1 16.17 -32.78 -2.50
N ARG C 2 17.13 -31.86 -2.51
CA ARG C 2 16.93 -30.55 -1.89
C ARG C 2 16.12 -29.63 -2.79
N CYS C 3 16.31 -29.73 -4.11
CA CYS C 3 15.64 -28.88 -5.07
C CYS C 3 14.22 -29.32 -5.41
N VAL C 4 13.81 -30.53 -5.00
CA VAL C 4 12.47 -30.99 -5.28
C VAL C 4 11.47 -30.09 -4.55
N GLY C 5 10.72 -29.30 -5.31
CA GLY C 5 9.82 -28.31 -4.76
C GLY C 5 10.23 -26.88 -5.02
N VAL C 6 11.46 -26.67 -5.50
CA VAL C 6 11.96 -25.35 -5.83
C VAL C 6 11.54 -25.01 -7.25
N GLY C 7 10.98 -23.80 -7.43
CA GLY C 7 10.47 -23.43 -8.75
C GLY C 7 11.57 -23.13 -9.74
N ASN C 8 12.58 -22.36 -9.33
CA ASN C 8 13.70 -22.02 -10.20
C ASN C 8 14.73 -23.14 -10.13
N ARG C 9 14.45 -24.21 -10.87
CA ARG C 9 15.29 -25.41 -10.84
C ARG C 9 15.74 -25.75 -12.25
N ASP C 10 17.04 -25.99 -12.40
CA ASP C 10 17.62 -26.36 -13.69
C ASP C 10 18.08 -27.80 -13.65
N PHE C 11 17.87 -28.49 -14.77
CA PHE C 11 18.31 -29.86 -14.95
C PHE C 11 19.44 -29.87 -15.96
N VAL C 12 20.58 -30.39 -15.55
CA VAL C 12 21.77 -30.46 -16.39
C VAL C 12 22.21 -31.91 -16.45
N GLU C 13 22.47 -32.40 -17.66
CA GLU C 13 22.95 -33.76 -17.87
C GLU C 13 24.30 -33.69 -18.55
N GLY C 14 25.27 -34.43 -18.02
CA GLY C 14 26.60 -34.42 -18.59
C GLY C 14 26.61 -35.04 -19.97
N LEU C 15 27.62 -34.66 -20.76
CA LEU C 15 27.73 -35.19 -22.11
C LEU C 15 28.00 -36.69 -22.07
N SER C 16 27.69 -37.34 -23.20
CA SER C 16 27.84 -38.78 -23.30
C SER C 16 29.29 -39.20 -23.03
N GLY C 17 29.49 -40.00 -21.99
CA GLY C 17 30.79 -40.52 -21.63
C GLY C 17 31.58 -39.65 -20.68
N ALA C 18 31.37 -38.34 -20.72
CA ALA C 18 32.11 -37.44 -19.84
C ALA C 18 31.71 -37.64 -18.38
N THR C 19 32.69 -37.52 -17.50
CA THR C 19 32.46 -37.59 -16.06
C THR C 19 32.44 -36.21 -15.41
N TRP C 20 32.39 -35.14 -16.20
CA TRP C 20 32.32 -33.78 -15.70
C TRP C 20 31.02 -33.13 -16.18
N VAL C 21 30.46 -32.25 -15.35
CA VAL C 21 29.24 -31.53 -15.67
C VAL C 21 29.43 -30.06 -15.33
N ASP C 22 29.17 -29.19 -16.30
CA ASP C 22 29.31 -27.75 -16.09
C ASP C 22 27.99 -27.17 -15.59
N VAL C 23 28.06 -26.35 -14.54
CA VAL C 23 26.87 -25.76 -13.94
C VAL C 23 27.12 -24.29 -13.63
N VAL C 24 26.01 -23.56 -13.54
CA VAL C 24 26.00 -22.15 -13.16
C VAL C 24 25.05 -22.02 -11.96
N LEU C 25 25.62 -21.76 -10.79
CA LEU C 25 24.84 -21.56 -9.57
C LEU C 25 24.55 -20.08 -9.39
N GLU C 26 23.32 -19.77 -9.02
CA GLU C 26 22.96 -18.40 -8.69
C GLU C 26 22.05 -18.40 -7.47
N HIS C 27 22.05 -17.28 -6.75
N HIS C 27 22.04 -17.28 -6.76
CA HIS C 27 21.28 -17.19 -5.52
CA HIS C 27 21.27 -17.17 -5.52
C HIS C 27 19.78 -17.35 -5.79
C HIS C 27 19.78 -17.34 -5.79
N GLY C 28 19.12 -18.13 -4.95
CA GLY C 28 17.73 -18.44 -5.14
C GLY C 28 17.46 -19.50 -6.18
N GLY C 29 18.51 -20.19 -6.65
CA GLY C 29 18.35 -21.20 -7.66
C GLY C 29 18.94 -22.51 -7.20
N CYS C 30 18.46 -23.58 -7.81
CA CYS C 30 18.90 -24.94 -7.52
C CYS C 30 19.15 -25.66 -8.84
N VAL C 31 20.24 -26.42 -8.93
CA VAL C 31 20.57 -27.15 -10.14
C VAL C 31 20.70 -28.63 -9.82
N THR C 32 20.06 -29.48 -10.63
CA THR C 32 20.14 -30.92 -10.48
C THR C 32 20.96 -31.49 -11.63
N THR C 33 21.98 -32.29 -11.30
CA THR C 33 22.87 -32.88 -12.28
C THR C 33 22.68 -34.39 -12.33
N MET C 34 22.68 -34.93 -13.54
CA MET C 34 22.52 -36.35 -13.78
C MET C 34 23.62 -36.82 -14.73
N ALA C 35 24.14 -38.01 -14.48
CA ALA C 35 25.14 -38.61 -15.36
C ALA C 35 24.98 -40.12 -15.30
N LYS C 36 25.32 -40.78 -16.40
CA LYS C 36 25.20 -42.23 -16.47
C LYS C 36 26.09 -42.89 -15.42
N ASN C 37 25.51 -43.81 -14.65
CA ASN C 37 26.21 -44.56 -13.61
C ASN C 37 26.81 -43.63 -12.56
N LYS C 38 26.20 -42.47 -12.37
CA LYS C 38 26.66 -41.50 -11.39
C LYS C 38 25.49 -41.08 -10.50
N PRO C 39 25.76 -40.70 -9.26
CA PRO C 39 24.68 -40.25 -8.38
C PRO C 39 24.06 -38.96 -8.89
N THR C 40 22.74 -38.87 -8.79
CA THR C 40 22.05 -37.63 -9.14
C THR C 40 22.26 -36.62 -8.03
N LEU C 41 22.73 -35.43 -8.38
CA LEU C 41 23.11 -34.44 -7.38
C LEU C 41 22.21 -33.20 -7.44
N ASP C 42 22.01 -32.59 -6.28
CA ASP C 42 21.28 -31.33 -6.13
C ASP C 42 22.25 -30.32 -5.55
N ILE C 43 22.74 -29.41 -6.40
CA ILE C 43 23.72 -28.40 -6.05
C ILE C 43 23.03 -27.06 -5.90
N GLU C 44 23.51 -26.27 -4.94
CA GLU C 44 22.89 -24.98 -4.68
C GLU C 44 23.94 -24.03 -4.10
N LEU C 45 23.90 -22.78 -4.54
CA LEU C 45 24.76 -21.74 -3.98
C LEU C 45 24.04 -21.14 -2.77
N GLN C 46 24.53 -21.46 -1.57
CA GLN C 46 23.84 -21.07 -0.35
C GLN C 46 24.02 -19.59 -0.04
N LYS C 47 25.26 -19.11 -0.01
CA LYS C 47 25.52 -17.74 0.41
C LYS C 47 26.83 -17.26 -0.19
N THR C 48 26.93 -15.94 -0.34
CA THR C 48 28.17 -15.27 -0.70
C THR C 48 28.47 -14.22 0.37
N GLU C 49 29.66 -14.31 0.97
CA GLU C 49 29.98 -13.55 2.17
C GLU C 49 31.24 -12.73 1.96
N ALA C 50 31.37 -11.68 2.77
CA ALA C 50 32.56 -10.85 2.84
C ALA C 50 33.33 -11.18 4.12
N THR C 51 34.63 -11.43 3.99
CA THR C 51 35.40 -11.97 5.11
C THR C 51 35.88 -10.87 6.03
N GLN C 52 36.76 -9.99 5.54
CA GLN C 52 37.37 -8.95 6.35
C GLN C 52 36.91 -7.59 5.83
N LEU C 53 36.21 -6.84 6.68
CA LEU C 53 35.72 -5.51 6.33
C LEU C 53 36.31 -4.48 7.28
N ALA C 54 36.86 -3.42 6.72
CA ALA C 54 37.41 -2.30 7.48
C ALA C 54 36.47 -1.10 7.34
N THR C 55 36.12 -0.48 8.45
CA THR C 55 35.21 0.67 8.39
C THR C 55 35.96 1.88 7.84
N LEU C 56 35.44 2.43 6.74
CA LEU C 56 36.07 3.56 6.08
C LEU C 56 35.60 4.89 6.68
N ARG C 57 34.29 5.12 6.69
CA ARG C 57 33.72 6.36 7.20
C ARG C 57 32.42 6.07 7.92
N LYS C 58 32.08 6.99 8.84
CA LYS C 58 30.84 6.93 9.61
C LYS C 58 30.10 8.24 9.40
N LEU C 59 28.86 8.15 8.93
CA LEU C 59 28.11 9.34 8.54
C LEU C 59 26.96 9.55 9.51
N CYS C 60 26.76 10.80 9.90
CA CYS C 60 25.72 11.15 10.87
C CYS C 60 24.42 11.42 10.14
N ILE C 61 23.37 10.69 10.51
CA ILE C 61 22.05 10.90 9.93
C ILE C 61 21.08 11.57 10.88
N GLU C 62 21.40 11.64 12.18
CA GLU C 62 20.59 12.41 13.12
C GLU C 62 21.49 13.04 14.16
N GLY C 63 21.31 14.35 14.39
CA GLY C 63 22.12 15.08 15.33
C GLY C 63 21.27 15.94 16.25
N LYS C 64 21.91 16.40 17.32
CA LYS C 64 21.27 17.26 18.32
C LYS C 64 22.19 18.43 18.64
N ILE C 65 21.61 19.48 19.23
CA ILE C 65 22.34 20.71 19.55
C ILE C 65 22.07 21.09 20.99
N THR C 66 23.13 21.36 21.75
CA THR C 66 23.03 21.75 23.14
C THR C 66 24.06 22.84 23.43
N ASN C 67 23.96 23.42 24.63
CA ASN C 67 24.89 24.43 25.13
C ASN C 67 25.19 25.48 24.07
N ILE C 68 24.20 26.27 23.70
CA ILE C 68 24.37 27.35 22.72
C ILE C 68 25.03 28.54 23.41
N THR C 69 26.04 29.11 22.75
CA THR C 69 26.72 30.29 23.25
C THR C 69 26.78 31.35 22.14
N THR C 70 26.93 32.61 22.55
CA THR C 70 26.93 33.71 21.61
C THR C 70 27.72 34.88 22.19
N ASP C 71 28.33 35.68 21.31
CA ASP C 71 29.05 36.88 21.72
C ASP C 71 28.77 37.99 20.71
N SER C 72 28.62 39.21 21.20
CA SER C 72 28.32 40.36 20.35
C SER C 72 29.26 41.51 20.67
N ARG C 73 29.48 42.36 19.68
CA ARG C 73 30.33 43.54 19.80
C ARG C 73 29.61 44.75 19.22
N CYS C 74 29.94 45.93 19.75
CA CYS C 74 29.42 47.18 19.22
C CYS C 74 30.14 47.53 17.92
N PRO C 75 29.56 48.42 17.11
CA PRO C 75 30.22 48.80 15.85
C PRO C 75 31.60 49.40 16.08
N THR C 76 32.48 49.17 15.12
CA THR C 76 33.87 49.62 15.10
C THR C 76 34.69 49.02 16.23
N GLN C 77 34.17 48.03 16.95
CA GLN C 77 34.89 47.38 18.03
C GLN C 77 35.56 46.09 17.59
N GLY C 78 35.50 45.77 16.30
CA GLY C 78 36.10 44.56 15.79
C GLY C 78 35.14 43.39 15.79
N GLU C 79 35.59 42.31 15.14
CA GLU C 79 34.77 41.12 15.04
C GLU C 79 34.71 40.37 16.37
N ALA C 80 33.54 39.86 16.70
CA ALA C 80 33.35 39.14 17.96
C ALA C 80 34.04 37.79 17.91
N ILE C 81 34.45 37.30 19.07
CA ILE C 81 35.23 36.08 19.20
C ILE C 81 34.75 35.29 20.41
N LEU C 82 34.56 33.99 20.24
CA LEU C 82 34.26 33.06 21.31
C LEU C 82 35.34 31.98 21.36
N PRO C 83 35.65 31.45 22.55
CA PRO C 83 36.62 30.35 22.62
C PRO C 83 36.16 29.10 21.90
N GLU C 84 34.85 28.85 21.87
CA GLU C 84 34.30 27.68 21.20
C GLU C 84 34.59 27.66 19.70
N GLU C 85 35.05 28.78 19.13
CA GLU C 85 35.47 28.76 17.73
C GLU C 85 36.67 27.86 17.49
N GLN C 86 37.44 27.55 18.54
CA GLN C 86 38.56 26.63 18.41
C GLN C 86 38.18 25.18 18.70
N ASP C 87 37.00 24.93 19.24
CA ASP C 87 36.55 23.57 19.53
C ASP C 87 35.82 23.02 18.32
N GLN C 88 36.32 21.91 17.77
CA GLN C 88 35.69 21.30 16.60
C GLN C 88 34.38 20.61 16.92
N ASN C 89 34.00 20.50 18.19
CA ASN C 89 32.68 19.97 18.54
C ASN C 89 31.58 21.00 18.34
N TYR C 90 31.93 22.27 18.23
CA TYR C 90 30.97 23.35 18.07
C TYR C 90 31.00 23.83 16.63
N VAL C 91 29.83 24.21 16.11
CA VAL C 91 29.70 24.87 14.82
C VAL C 91 29.34 26.32 15.08
N CYS C 92 30.07 27.23 14.43
CA CYS C 92 29.91 28.65 14.69
C CYS C 92 29.61 29.40 13.40
N LYS C 93 28.97 30.56 13.54
CA LYS C 93 28.72 31.45 12.42
C LYS C 93 28.86 32.91 12.87
N HIS C 94 29.41 33.72 11.97
CA HIS C 94 29.55 35.16 12.15
C HIS C 94 28.49 35.89 11.33
N THR C 95 27.96 36.97 11.89
CA THR C 95 26.94 37.79 11.23
C THR C 95 27.04 39.20 11.77
N TYR C 96 26.19 40.09 11.25
CA TYR C 96 26.14 41.48 11.69
C TYR C 96 24.71 41.87 12.03
N VAL C 97 24.55 42.64 13.10
CA VAL C 97 23.23 43.03 13.60
C VAL C 97 23.17 44.54 13.77
N ASP C 98 21.93 45.04 13.87
CA ASP C 98 21.68 46.47 14.05
C ASP C 98 22.00 46.86 15.49
N ARG C 99 22.94 47.78 15.67
CA ARG C 99 23.34 48.25 16.98
C ARG C 99 23.19 49.76 17.07
N GLY C 100 22.80 50.22 18.26
CA GLY C 100 22.61 51.64 18.50
C GLY C 100 22.40 51.88 19.98
N TRP C 101 21.95 53.11 20.28
CA TRP C 101 21.69 53.47 21.68
C TRP C 101 20.69 52.52 22.33
N GLY C 102 19.65 52.11 21.58
CA GLY C 102 18.59 51.31 22.16
C GLY C 102 19.04 49.96 22.68
N ASN C 103 20.08 49.38 22.07
CA ASN C 103 20.55 48.06 22.45
C ASN C 103 21.97 48.09 22.99
N GLY C 104 22.39 49.23 23.55
CA GLY C 104 23.58 49.29 24.36
C GLY C 104 24.88 49.64 23.66
N CYS C 105 24.84 50.39 22.56
CA CYS C 105 26.05 50.85 21.90
C CYS C 105 25.99 52.36 21.71
N GLY C 106 27.13 53.02 21.87
CA GLY C 106 27.19 54.46 21.67
C GLY C 106 27.12 54.85 20.21
N LEU C 107 27.60 53.99 19.32
CA LEU C 107 27.60 54.23 17.90
C LEU C 107 26.47 53.45 17.23
N PHE C 108 25.84 54.07 16.23
CA PHE C 108 24.83 53.41 15.42
C PHE C 108 25.49 52.76 14.22
N GLY C 109 25.21 51.50 13.99
CA GLY C 109 25.78 50.81 12.85
C GLY C 109 25.67 49.31 13.01
N LYS C 110 26.43 48.62 12.17
CA LYS C 110 26.44 47.16 12.15
C LYS C 110 27.46 46.63 13.14
N GLY C 111 27.00 45.81 14.07
CA GLY C 111 27.86 45.21 15.09
C GLY C 111 28.03 43.72 14.83
N SER C 112 29.22 43.22 15.11
CA SER C 112 29.52 41.82 14.87
C SER C 112 28.83 40.93 15.90
N LEU C 113 28.44 39.74 15.46
CA LEU C 113 27.79 38.74 16.28
C LEU C 113 28.31 37.37 15.89
N VAL C 114 28.56 36.51 16.86
CA VAL C 114 29.03 35.15 16.60
C VAL C 114 28.25 34.18 17.48
N THR C 115 27.80 33.08 16.88
CA THR C 115 27.05 32.06 17.60
C THR C 115 27.73 30.71 17.43
N CYS C 116 27.79 29.94 18.50
CA CYS C 116 28.38 28.61 18.48
C CYS C 116 27.43 27.62 19.16
N ALA C 117 27.31 26.43 18.56
CA ALA C 117 26.44 25.38 19.07
C ALA C 117 27.19 24.08 19.17
N LYS C 118 26.97 23.35 20.27
CA LYS C 118 27.62 22.07 20.49
C LYS C 118 26.91 20.98 19.69
N PHE C 119 27.65 20.29 18.84
CA PHE C 119 27.11 19.26 17.96
C PHE C 119 27.31 17.88 18.59
N GLN C 120 26.24 17.09 18.60
CA GLN C 120 26.28 15.72 19.07
C GLN C 120 25.51 14.86 18.10
N CYS C 121 26.12 13.79 17.61
CA CYS C 121 25.44 12.91 16.66
C CYS C 121 24.60 11.90 17.42
N LEU C 122 23.31 11.83 17.07
CA LEU C 122 22.39 10.90 17.72
C LEU C 122 22.38 9.55 17.02
N GLU C 123 22.31 9.52 15.69
CA GLU C 123 22.36 8.25 15.01
C GLU C 123 23.18 8.37 13.73
N SER C 124 23.92 7.32 13.42
CA SER C 124 24.91 7.32 12.36
C SER C 124 24.82 6.02 11.55
N ILE C 125 25.41 6.06 10.36
CA ILE C 125 25.50 4.91 9.47
C ILE C 125 26.97 4.68 9.12
N GLU C 126 27.32 3.46 8.76
CA GLU C 126 28.72 3.15 8.52
C GLU C 126 28.96 2.76 7.07
N GLY C 127 30.16 3.04 6.59
CA GLY C 127 30.56 2.66 5.25
C GLY C 127 31.81 1.81 5.25
N LYS C 128 31.63 0.50 5.11
CA LYS C 128 32.74 -0.42 5.17
C LYS C 128 33.30 -0.73 3.79
N VAL C 129 34.58 -1.05 3.75
CA VAL C 129 35.29 -1.33 2.51
C VAL C 129 35.36 -2.85 2.33
N VAL C 130 35.21 -3.29 1.10
CA VAL C 130 35.23 -4.71 0.75
C VAL C 130 36.35 -4.95 -0.24
N GLN C 131 37.11 -6.02 -0.03
CA GLN C 131 38.11 -6.45 -0.99
C GLN C 131 37.61 -7.73 -1.64
N HIS C 132 37.69 -7.77 -2.98
CA HIS C 132 37.14 -8.92 -3.71
C HIS C 132 37.87 -10.20 -3.36
N GLU C 133 39.14 -10.10 -2.97
CA GLU C 133 39.90 -11.27 -2.52
C GLU C 133 39.20 -11.96 -1.36
N ASN C 134 38.49 -11.20 -0.52
CA ASN C 134 37.90 -11.73 0.69
C ASN C 134 36.60 -12.50 0.48
N LEU C 135 36.06 -12.53 -0.75
CA LEU C 135 34.77 -13.18 -0.94
C LEU C 135 34.87 -14.66 -0.64
N LYS C 136 33.84 -15.18 0.03
CA LYS C 136 33.74 -16.60 0.37
C LYS C 136 32.39 -17.11 -0.10
N TYR C 137 32.42 -18.11 -0.99
CA TYR C 137 31.21 -18.72 -1.53
C TYR C 137 30.99 -20.06 -0.85
N THR C 138 29.74 -20.31 -0.45
CA THR C 138 29.37 -21.57 0.19
C THR C 138 28.42 -22.32 -0.71
N VAL C 139 28.80 -23.52 -1.12
CA VAL C 139 27.99 -24.36 -2.00
C VAL C 139 27.55 -25.59 -1.20
N ILE C 140 26.31 -26.00 -1.42
CA ILE C 140 25.73 -27.13 -0.69
C ILE C 140 25.27 -28.18 -1.71
N ILE C 141 25.62 -29.44 -1.43
CA ILE C 141 25.37 -30.57 -2.31
C ILE C 141 24.52 -31.59 -1.56
N THR C 142 23.46 -32.06 -2.20
CA THR C 142 22.57 -33.07 -1.62
C THR C 142 22.34 -34.17 -2.65
N VAL C 143 22.70 -35.40 -2.29
CA VAL C 143 22.58 -36.52 -3.21
C VAL C 143 21.14 -37.03 -3.20
N HIS C 144 20.71 -37.56 -4.35
CA HIS C 144 19.41 -38.23 -4.47
C HIS C 144 19.57 -39.65 -3.97
N THR C 145 19.38 -39.84 -2.66
CA THR C 145 19.54 -41.15 -2.04
C THR C 145 18.23 -41.90 -1.87
N GLY C 146 17.09 -41.24 -2.06
CA GLY C 146 15.82 -41.85 -1.77
C GLY C 146 15.43 -41.82 -0.31
N ASP C 147 16.23 -41.12 0.52
CA ASP C 147 16.03 -41.14 1.96
C ASP C 147 14.61 -40.74 2.33
N GLN C 148 14.15 -41.30 3.45
CA GLN C 148 12.79 -41.09 3.93
C GLN C 148 12.46 -39.61 4.03
N HIS C 149 13.33 -38.83 4.67
CA HIS C 149 13.10 -37.42 4.92
C HIS C 149 13.89 -36.51 3.99
N GLN C 150 14.17 -36.97 2.77
CA GLN C 150 15.10 -36.26 1.90
C GLN C 150 14.44 -35.19 1.03
N VAL C 151 13.17 -35.37 0.67
CA VAL C 151 12.47 -34.48 -0.25
C VAL C 151 12.40 -33.05 0.30
N GLY C 152 13.08 -32.12 -0.36
CA GLY C 152 12.99 -30.73 0.01
C GLY C 152 13.57 -30.38 1.36
N ASN C 153 14.19 -31.34 2.05
CA ASN C 153 14.78 -31.12 3.36
C ASN C 153 16.08 -30.37 3.17
N GLU C 154 16.18 -29.17 3.73
CA GLU C 154 17.39 -28.36 3.60
C GLU C 154 18.33 -28.49 4.79
N THR C 155 18.11 -29.45 5.68
CA THR C 155 19.02 -29.67 6.80
C THR C 155 20.23 -30.50 6.38
N GLN C 156 20.02 -31.50 5.53
CA GLN C 156 21.07 -32.40 5.09
C GLN C 156 21.78 -31.84 3.87
N GLY C 157 23.06 -32.15 3.76
CA GLY C 157 23.86 -31.71 2.63
C GLY C 157 25.29 -31.44 3.04
N VAL C 158 26.21 -31.71 2.13
CA VAL C 158 27.64 -31.46 2.34
C VAL C 158 27.97 -30.10 1.75
N THR C 159 28.62 -29.26 2.55
CA THR C 159 29.01 -27.93 2.11
C THR C 159 30.48 -27.86 1.74
N ALA C 160 30.79 -26.98 0.79
CA ALA C 160 32.15 -26.73 0.35
C ALA C 160 32.33 -25.23 0.16
N GLU C 161 33.51 -24.73 0.54
CA GLU C 161 33.81 -23.30 0.47
C GLU C 161 34.76 -23.03 -0.69
N ILE C 162 34.38 -22.08 -1.55
CA ILE C 162 35.19 -21.63 -2.67
C ILE C 162 35.55 -20.18 -2.44
N THR C 163 36.83 -19.85 -2.57
CA THR C 163 37.31 -18.48 -2.45
C THR C 163 38.19 -18.17 -3.66
N SER C 164 38.40 -16.87 -3.87
CA SER C 164 39.21 -16.42 -5.00
C SER C 164 40.59 -17.06 -5.02
N GLN C 165 41.15 -17.39 -3.86
CA GLN C 165 42.43 -18.08 -3.82
C GLN C 165 42.26 -19.60 -3.95
N ALA C 166 41.37 -20.18 -3.16
CA ALA C 166 41.09 -21.62 -3.22
C ALA C 166 39.81 -21.84 -4.01
N SER C 167 39.93 -21.78 -5.34
CA SER C 167 38.77 -21.92 -6.21
C SER C 167 38.36 -23.38 -6.39
N THR C 168 39.32 -24.29 -6.52
CA THR C 168 39.03 -25.71 -6.65
C THR C 168 39.06 -26.39 -5.29
N ALA C 169 38.04 -27.20 -5.02
CA ALA C 169 37.90 -27.87 -3.73
C ALA C 169 37.31 -29.25 -3.93
N GLU C 170 37.54 -30.13 -2.96
CA GLU C 170 36.99 -31.48 -2.96
C GLU C 170 35.98 -31.61 -1.82
N ALA C 171 34.85 -32.24 -2.12
CA ALA C 171 33.78 -32.45 -1.15
C ALA C 171 33.57 -33.94 -0.95
N ILE C 172 33.66 -34.39 0.29
CA ILE C 172 33.55 -35.80 0.62
C ILE C 172 32.06 -36.13 0.80
N LEU C 173 31.53 -36.97 -0.09
CA LEU C 173 30.14 -37.40 -0.01
C LEU C 173 30.07 -38.79 0.61
N PRO C 174 29.55 -38.93 1.83
CA PRO C 174 29.58 -40.24 2.50
C PRO C 174 28.76 -41.29 1.76
N GLU C 175 29.39 -42.45 1.56
CA GLU C 175 28.85 -43.62 0.86
C GLU C 175 28.76 -43.41 -0.65
N TYR C 176 29.15 -42.25 -1.18
CA TYR C 176 29.13 -42.02 -2.62
C TYR C 176 30.47 -41.60 -3.20
N GLY C 177 31.46 -41.25 -2.38
CA GLY C 177 32.81 -41.02 -2.85
C GLY C 177 33.24 -39.58 -2.63
N THR C 178 33.95 -39.03 -3.61
CA THR C 178 34.48 -37.67 -3.53
C THR C 178 34.09 -36.92 -4.79
N LEU C 179 33.48 -35.75 -4.61
CA LEU C 179 33.09 -34.90 -5.72
C LEU C 179 34.11 -33.77 -5.84
N GLY C 180 34.49 -33.45 -7.07
CA GLY C 180 35.42 -32.36 -7.34
C GLY C 180 34.68 -31.13 -7.84
N LEU C 181 35.07 -29.97 -7.32
CA LEU C 181 34.51 -28.68 -7.71
C LEU C 181 35.62 -27.80 -8.25
N GLU C 182 35.57 -27.52 -9.55
CA GLU C 182 36.52 -26.63 -10.21
C GLU C 182 35.73 -25.37 -10.58
N CYS C 183 35.67 -24.43 -9.64
CA CYS C 183 34.85 -23.23 -9.82
C CYS C 183 35.73 -22.05 -10.18
N SER C 184 35.13 -21.08 -10.86
CA SER C 184 35.80 -19.84 -11.24
C SER C 184 34.95 -18.65 -10.79
N PRO C 185 35.30 -18.00 -9.69
CA PRO C 185 34.55 -16.84 -9.23
C PRO C 185 34.79 -15.61 -10.10
N ARG C 186 33.82 -15.29 -10.96
CA ARG C 186 33.86 -14.07 -11.76
C ARG C 186 33.25 -12.93 -10.95
N THR C 187 34.00 -11.84 -10.85
CA THR C 187 33.60 -10.75 -9.96
C THR C 187 32.41 -9.98 -10.51
N GLY C 188 32.57 -9.37 -11.69
CA GLY C 188 31.51 -8.54 -12.20
C GLY C 188 31.42 -7.16 -11.59
N LEU C 189 32.36 -6.81 -10.71
CA LEU C 189 32.37 -5.50 -10.07
C LEU C 189 33.74 -5.27 -9.44
N ASP C 190 34.15 -4.00 -9.37
CA ASP C 190 35.38 -3.61 -8.71
C ASP C 190 35.03 -3.11 -7.31
N PHE C 191 35.56 -3.77 -6.29
CA PHE C 191 35.22 -3.44 -4.91
C PHE C 191 35.94 -2.20 -4.40
N ASN C 192 37.04 -1.79 -5.03
CA ASN C 192 37.62 -0.48 -4.70
C ASN C 192 36.60 0.62 -4.98
N GLU C 193 35.81 0.45 -6.04
CA GLU C 193 34.73 1.36 -6.41
C GLU C 193 33.48 1.19 -5.56
N MET C 194 33.39 0.13 -4.75
CA MET C 194 32.17 -0.19 -4.02
C MET C 194 32.36 -0.09 -2.51
N ILE C 195 31.28 0.29 -1.83
CA ILE C 195 31.23 0.44 -0.38
C ILE C 195 30.00 -0.29 0.14
N LEU C 196 30.17 -1.03 1.23
CA LEU C 196 29.06 -1.66 1.93
C LEU C 196 28.52 -0.68 2.96
N LEU C 197 27.35 -0.10 2.69
CA LEU C 197 26.72 0.87 3.58
C LEU C 197 25.77 0.17 4.54
N THR C 198 25.95 0.40 5.83
CA THR C 198 25.14 -0.25 6.85
C THR C 198 24.32 0.77 7.62
N MET C 199 23.02 0.50 7.72
CA MET C 199 22.01 1.32 8.41
C MET C 199 21.19 0.39 9.28
N LYS C 200 21.32 0.54 10.60
CA LYS C 200 20.62 -0.32 11.54
C LYS C 200 20.83 -1.79 11.17
N ASN C 201 19.74 -2.54 10.96
CA ASN C 201 19.92 -3.93 10.57
C ASN C 201 20.35 -4.06 9.11
N LYS C 202 19.80 -3.24 8.23
CA LYS C 202 20.00 -3.44 6.80
C LYS C 202 21.37 -2.93 6.31
N ALA C 203 21.73 -3.40 5.12
CA ALA C 203 22.95 -3.00 4.43
C ALA C 203 22.69 -2.98 2.92
N TRP C 204 23.51 -2.19 2.22
CA TRP C 204 23.44 -2.01 0.79
C TRP C 204 24.84 -1.97 0.21
N MET C 205 24.93 -2.05 -1.11
CA MET C 205 26.19 -1.90 -1.84
C MET C 205 26.06 -0.68 -2.74
N VAL C 206 26.93 0.31 -2.54
CA VAL C 206 26.84 1.57 -3.27
C VAL C 206 28.20 1.93 -3.84
N HIS C 207 28.21 2.95 -4.70
CA HIS C 207 29.45 3.42 -5.31
C HIS C 207 30.24 4.25 -4.31
N ARG C 208 31.57 4.11 -4.37
CA ARG C 208 32.44 4.81 -3.43
C ARG C 208 32.23 6.32 -3.51
N GLN C 209 32.32 6.89 -4.70
CA GLN C 209 32.19 8.34 -4.85
C GLN C 209 30.81 8.81 -4.38
N TRP C 210 29.76 8.05 -4.71
CA TRP C 210 28.43 8.38 -4.22
C TRP C 210 28.37 8.38 -2.70
N PHE C 211 29.06 7.43 -2.07
CA PHE C 211 29.12 7.40 -0.62
C PHE C 211 29.85 8.62 -0.07
N PHE C 212 30.96 9.01 -0.72
CA PHE C 212 31.70 10.18 -0.25
C PHE C 212 30.92 11.47 -0.46
N ASP C 213 30.06 11.52 -1.50
CA ASP C 213 29.29 12.71 -1.81
C ASP C 213 27.93 12.74 -1.13
N LEU C 214 27.74 11.96 -0.07
CA LEU C 214 26.50 12.02 0.69
C LEU C 214 26.51 13.28 1.54
N PRO C 215 25.56 14.08 1.46
CA PRO C 215 25.59 15.38 2.17
C PRO C 215 25.32 15.23 3.66
N LEU C 216 26.25 14.57 4.35
CA LEU C 216 26.11 14.27 5.76
C LEU C 216 27.44 14.50 6.47
N PRO C 217 27.41 14.79 7.76
CA PRO C 217 28.67 14.83 8.53
C PRO C 217 29.29 13.46 8.63
N TRP C 218 30.63 13.43 8.61
CA TRP C 218 31.38 12.19 8.55
C TRP C 218 32.52 12.20 9.57
N THR C 219 32.97 10.99 9.90
CA THR C 219 34.04 10.76 10.87
C THR C 219 34.79 9.50 10.47
N SER C 220 36.00 9.38 11.01
CA SER C 220 36.87 8.26 10.68
C SER C 220 36.30 6.94 11.19
N GLY C 221 36.82 5.85 10.61
CA GLY C 221 36.35 4.52 10.97
C GLY C 221 36.68 4.13 12.40
N ALA C 222 37.78 4.64 12.95
CA ALA C 222 38.23 4.28 14.28
C ALA C 222 37.17 4.60 15.33
N THR C 223 36.85 3.63 16.17
CA THR C 223 35.82 3.81 17.19
C THR C 223 36.34 4.69 18.32
N THR C 224 35.58 5.72 18.67
CA THR C 224 35.92 6.62 19.76
C THR C 224 34.66 6.96 20.52
N LYS C 225 34.78 7.10 21.84
CA LYS C 225 33.63 7.56 22.63
C LYS C 225 33.25 8.98 22.25
N THR C 226 34.24 9.82 21.96
CA THR C 226 34.03 11.20 21.53
C THR C 226 34.58 11.39 20.13
N PRO C 227 33.76 11.37 19.10
CA PRO C 227 34.27 11.55 17.74
C PRO C 227 34.25 13.01 17.32
N THR C 228 35.07 13.32 16.32
CA THR C 228 35.19 14.66 15.75
C THR C 228 34.59 14.65 14.36
N TRP C 229 33.48 15.36 14.18
CA TRP C 229 32.76 15.34 12.93
C TRP C 229 33.18 16.50 12.04
N ASN C 230 33.24 16.23 10.74
CA ASN C 230 33.48 17.24 9.73
C ASN C 230 32.22 17.49 8.92
N ARG C 231 32.16 18.67 8.29
CA ARG C 231 30.99 19.12 7.53
C ARG C 231 29.74 19.12 8.39
N LYS C 232 29.86 19.61 9.62
CA LYS C 232 28.70 19.66 10.52
C LYS C 232 27.63 20.64 10.02
N GLU C 233 27.99 21.60 9.18
CA GLU C 233 27.04 22.57 8.64
C GLU C 233 26.03 21.95 7.69
N LEU C 234 26.25 20.70 7.26
CA LEU C 234 25.27 20.03 6.41
C LEU C 234 24.01 19.63 7.16
N LEU C 235 24.03 19.67 8.50
CA LEU C 235 22.85 19.42 9.31
C LEU C 235 22.46 20.58 10.20
N VAL C 236 23.32 21.57 10.37
CA VAL C 236 23.08 22.69 11.27
C VAL C 236 22.93 23.94 10.43
N THR C 237 21.82 24.65 10.62
CA THR C 237 21.54 25.86 9.86
C THR C 237 21.37 27.03 10.81
N PHE C 238 21.99 28.16 10.44
CA PHE C 238 21.85 29.42 11.13
C PHE C 238 21.00 30.36 10.29
N LYS C 239 19.96 30.93 10.88
CA LYS C 239 19.08 31.88 10.20
C LYS C 239 19.11 33.20 10.94
N ASN C 240 19.29 34.29 10.19
CA ASN C 240 19.22 35.65 10.71
C ASN C 240 18.31 36.41 9.76
N ALA C 241 17.05 36.56 10.15
CA ALA C 241 16.05 37.11 9.24
C ALA C 241 16.13 38.64 9.15
N HIS C 242 16.11 39.34 10.29
CA HIS C 242 15.93 40.78 10.28
C HIS C 242 16.98 41.48 11.13
N ALA C 243 18.15 40.87 11.31
CA ALA C 243 19.30 41.48 11.97
C ALA C 243 19.04 41.79 13.45
N LYS C 244 18.03 41.16 14.06
CA LYS C 244 17.77 41.36 15.48
C LYS C 244 18.42 40.28 16.35
N LYS C 245 18.53 39.06 15.83
CA LYS C 245 19.24 37.98 16.51
C LYS C 245 19.54 36.90 15.47
N GLN C 246 20.12 35.79 15.94
CA GLN C 246 20.48 34.67 15.07
C GLN C 246 20.08 33.36 15.71
N GLU C 247 19.30 32.55 15.00
CA GLU C 247 18.82 31.27 15.50
C GLU C 247 19.58 30.12 14.84
N VAL C 248 19.76 29.04 15.59
CA VAL C 248 20.44 27.85 15.11
C VAL C 248 19.50 26.66 15.28
N VAL C 249 19.32 25.88 14.22
CA VAL C 249 18.40 24.74 14.24
C VAL C 249 19.03 23.57 13.51
N VAL C 250 18.64 22.34 13.94
CA VAL C 250 19.13 21.08 13.40
C VAL C 250 18.19 20.59 12.30
N LEU C 251 18.75 19.82 11.36
CA LEU C 251 18.04 19.48 10.12
C LEU C 251 17.03 18.36 10.31
N GLY C 252 17.21 17.50 11.29
CA GLY C 252 16.29 16.39 11.50
C GLY C 252 16.79 15.10 10.88
N SER C 253 16.10 14.01 11.24
CA SER C 253 16.56 12.67 10.88
C SER C 253 16.56 12.45 9.38
N GLN C 254 17.69 11.97 8.85
CA GLN C 254 17.84 11.67 7.44
C GLN C 254 17.66 10.19 7.12
N GLU C 255 17.06 9.43 8.04
CA GLU C 255 16.91 7.99 7.84
C GLU C 255 16.08 7.68 6.58
N GLY C 256 14.86 8.20 6.54
CA GLY C 256 14.00 7.96 5.38
C GLY C 256 14.56 8.54 4.11
N ALA C 257 15.28 9.66 4.19
CA ALA C 257 15.94 10.19 3.00
C ALA C 257 16.97 9.21 2.47
N MET C 258 17.76 8.61 3.37
CA MET C 258 18.72 7.60 2.95
C MET C 258 18.00 6.40 2.34
N HIS C 259 16.91 5.95 2.96
CA HIS C 259 16.18 4.84 2.39
C HIS C 259 15.68 5.16 0.98
N THR C 260 15.18 6.37 0.78
CA THR C 260 14.73 6.76 -0.55
C THR C 260 15.88 6.77 -1.55
N ALA C 261 17.04 7.31 -1.14
CA ALA C 261 18.18 7.32 -2.04
C ALA C 261 18.70 5.93 -2.34
N LEU C 262 18.48 4.96 -1.44
CA LEU C 262 19.00 3.61 -1.60
C LEU C 262 18.02 2.67 -2.29
N THR C 263 16.90 3.18 -2.82
CA THR C 263 15.89 2.31 -3.41
C THR C 263 16.46 1.53 -4.58
N GLY C 264 17.23 2.19 -5.45
CA GLY C 264 17.79 1.55 -6.63
C GLY C 264 19.13 0.90 -6.39
N ALA C 265 19.47 0.64 -5.13
CA ALA C 265 20.74 0.04 -4.78
C ALA C 265 20.56 -1.43 -4.42
N THR C 266 21.65 -2.19 -4.56
CA THR C 266 21.63 -3.61 -4.25
C THR C 266 21.59 -3.81 -2.75
N GLU C 267 20.59 -4.57 -2.30
CA GLU C 267 20.33 -4.78 -0.88
C GLU C 267 21.02 -6.05 -0.39
N ILE C 268 21.38 -6.06 0.89
CA ILE C 268 22.21 -7.11 1.46
C ILE C 268 21.55 -7.69 2.70
N GLN C 269 21.56 -9.02 2.80
CA GLN C 269 21.04 -9.71 3.97
C GLN C 269 22.00 -9.54 5.15
N THR C 270 21.45 -9.26 6.32
CA THR C 270 22.26 -9.15 7.53
C THR C 270 21.54 -9.73 8.74
N THR C 274 28.63 -11.79 8.30
CA THR C 274 27.24 -11.57 8.67
C THR C 274 26.51 -10.78 7.58
N SER C 275 27.17 -10.61 6.44
CA SER C 275 26.61 -9.92 5.28
C SER C 275 26.55 -10.88 4.11
N ILE C 276 25.35 -11.15 3.63
CA ILE C 276 25.12 -12.17 2.59
C ILE C 276 24.71 -11.44 1.32
N PHE C 277 25.48 -11.66 0.25
CA PHE C 277 25.24 -11.06 -1.05
C PHE C 277 24.43 -12.00 -1.93
N ALA C 278 23.78 -11.42 -2.94
CA ALA C 278 23.15 -12.18 -4.01
C ALA C 278 24.13 -12.22 -5.18
N GLY C 279 24.66 -13.42 -5.46
CA GLY C 279 25.68 -13.56 -6.49
C GLY C 279 25.53 -14.80 -7.34
N HIS C 280 26.59 -15.15 -8.08
CA HIS C 280 26.59 -16.32 -8.94
C HIS C 280 27.99 -16.93 -8.93
N LEU C 281 28.08 -18.16 -9.44
CA LEU C 281 29.32 -18.91 -9.44
C LEU C 281 29.25 -19.98 -10.52
N LYS C 282 30.28 -20.07 -11.35
CA LYS C 282 30.36 -21.07 -12.41
C LYS C 282 31.31 -22.18 -11.97
N CYS C 283 30.85 -23.42 -12.08
CA CYS C 283 31.65 -24.55 -11.60
C CYS C 283 31.64 -25.68 -12.62
N ARG C 284 32.74 -26.44 -12.61
CA ARG C 284 32.87 -27.69 -13.34
C ARG C 284 32.96 -28.82 -12.33
N LEU C 285 32.01 -29.74 -12.40
CA LEU C 285 31.92 -30.84 -11.44
C LEU C 285 32.62 -32.07 -11.99
N LYS C 286 33.66 -32.51 -11.30
CA LYS C 286 34.38 -33.73 -11.64
C LYS C 286 33.81 -34.87 -10.79
N MET C 287 33.22 -35.87 -11.47
CA MET C 287 32.57 -36.99 -10.79
C MET C 287 33.30 -38.30 -11.03
N ASP C 288 34.57 -38.25 -11.43
CA ASP C 288 35.32 -39.48 -11.70
C ASP C 288 35.48 -40.32 -10.45
N LYS C 289 35.66 -39.69 -9.30
CA LYS C 289 35.78 -40.40 -8.04
C LYS C 289 34.44 -40.65 -7.36
N LEU C 290 33.34 -40.26 -8.00
CA LEU C 290 32.01 -40.54 -7.47
C LEU C 290 31.56 -41.94 -7.85
N LYS C 291 30.90 -42.62 -6.90
CA LYS C 291 30.50 -44.00 -7.06
C LYS C 291 29.05 -44.16 -6.65
N LEU C 292 28.28 -44.88 -7.46
CA LEU C 292 26.88 -45.16 -7.16
C LEU C 292 26.81 -46.25 -6.11
N LYS C 293 26.05 -45.98 -5.03
CA LYS C 293 26.11 -46.80 -3.84
C LYS C 293 25.75 -48.26 -4.12
N GLY C 294 24.55 -48.48 -4.65
CA GLY C 294 24.02 -49.83 -4.73
C GLY C 294 23.97 -50.47 -6.10
N MET C 295 24.99 -50.24 -6.92
CA MET C 295 24.98 -50.82 -8.26
C MET C 295 25.24 -52.33 -8.20
N SER C 296 25.90 -52.81 -7.15
CA SER C 296 26.16 -54.23 -7.00
C SER C 296 25.03 -54.96 -6.28
N TYR C 297 23.95 -54.26 -5.93
CA TYR C 297 22.81 -54.89 -5.27
C TYR C 297 22.01 -55.74 -6.25
N ALA C 298 21.29 -56.71 -5.69
CA ALA C 298 20.36 -57.51 -6.46
C ALA C 298 19.00 -56.80 -6.57
N MET C 299 18.14 -57.34 -7.43
CA MET C 299 16.81 -56.80 -7.63
C MET C 299 15.90 -57.15 -6.45
N CYS C 300 14.87 -56.33 -6.26
CA CYS C 300 13.86 -56.58 -5.24
C CYS C 300 12.90 -57.66 -5.72
N LEU C 301 12.86 -58.79 -5.02
CA LEU C 301 12.03 -59.90 -5.43
C LEU C 301 10.59 -59.81 -4.91
N ASN C 302 10.32 -58.93 -3.93
CA ASN C 302 8.99 -58.86 -3.35
C ASN C 302 8.17 -57.69 -3.90
N THR C 303 7.25 -57.19 -3.08
CA THR C 303 6.25 -56.24 -3.50
C THR C 303 6.53 -54.85 -2.93
N PHE C 304 6.10 -53.83 -3.66
CA PHE C 304 6.14 -52.45 -3.21
C PHE C 304 4.72 -51.93 -3.03
N VAL C 305 4.55 -51.07 -2.04
CA VAL C 305 3.26 -50.46 -1.73
C VAL C 305 3.44 -48.96 -1.70
N LEU C 306 2.50 -48.25 -2.34
CA LEU C 306 2.54 -46.80 -2.41
C LEU C 306 2.22 -46.20 -1.04
N LYS C 307 3.21 -45.54 -0.43
CA LYS C 307 3.00 -44.94 0.88
C LYS C 307 2.30 -43.58 0.78
N LYS C 308 2.60 -42.82 -0.26
CA LYS C 308 1.98 -41.53 -0.48
C LYS C 308 1.53 -41.40 -1.92
N GLU C 309 0.53 -40.56 -2.14
CA GLU C 309 0.01 -40.35 -3.48
C GLU C 309 1.06 -39.69 -4.36
N VAL C 310 1.14 -40.13 -5.62
CA VAL C 310 2.06 -39.54 -6.57
C VAL C 310 1.60 -38.15 -6.95
N SER C 311 2.49 -37.16 -6.82
CA SER C 311 2.17 -35.78 -7.14
C SER C 311 3.20 -35.24 -8.12
N GLU C 312 2.77 -34.26 -8.92
CA GLU C 312 3.57 -33.74 -10.00
C GLU C 312 4.30 -32.47 -9.55
N THR C 313 5.58 -32.37 -9.94
CA THR C 313 6.40 -31.19 -9.66
C THR C 313 6.11 -30.11 -10.70
N GLN C 314 6.53 -28.88 -10.37
CA GLN C 314 6.35 -27.77 -11.30
C GLN C 314 7.04 -28.01 -12.63
N HIS C 315 8.08 -28.85 -12.66
CA HIS C 315 8.82 -29.13 -13.88
C HIS C 315 8.41 -30.43 -14.53
N GLY C 316 7.24 -30.97 -14.19
CA GLY C 316 6.70 -32.12 -14.85
C GLY C 316 7.12 -33.45 -14.28
N THR C 317 8.15 -33.48 -13.45
CA THR C 317 8.56 -34.73 -12.83
C THR C 317 7.57 -35.13 -11.75
N ILE C 318 7.59 -36.41 -11.41
CA ILE C 318 6.68 -36.95 -10.41
C ILE C 318 7.50 -37.58 -9.30
N LEU C 319 6.94 -37.56 -8.10
CA LEU C 319 7.58 -38.10 -6.92
C LEU C 319 6.78 -39.30 -6.41
N ILE C 320 7.45 -40.42 -6.23
CA ILE C 320 6.83 -41.68 -5.85
C ILE C 320 7.43 -42.11 -4.52
N LYS C 321 6.59 -42.26 -3.50
CA LYS C 321 7.02 -42.72 -2.19
C LYS C 321 6.50 -44.15 -2.00
N VAL C 322 7.42 -45.11 -1.94
CA VAL C 322 7.04 -46.52 -1.86
C VAL C 322 7.60 -47.12 -0.58
N GLU C 323 6.94 -48.17 -0.10
CA GLU C 323 7.41 -48.95 1.03
C GLU C 323 7.60 -50.39 0.58
N TYR C 324 8.75 -50.97 0.93
CA TYR C 324 9.06 -52.33 0.54
C TYR C 324 8.61 -53.32 1.61
N LYS C 325 8.03 -54.42 1.17
CA LYS C 325 7.50 -55.45 2.06
C LYS C 325 8.28 -56.75 1.93
N GLY C 326 9.58 -56.67 1.63
CA GLY C 326 10.42 -57.82 1.45
C GLY C 326 11.59 -57.84 2.41
N GLU C 327 12.35 -58.94 2.36
CA GLU C 327 13.42 -59.18 3.31
C GLU C 327 14.80 -59.21 2.68
N ASP C 328 14.93 -58.85 1.39
CA ASP C 328 16.21 -58.93 0.70
C ASP C 328 17.00 -57.62 0.72
N ALA C 329 16.50 -56.59 1.39
CA ALA C 329 17.21 -55.30 1.48
C ALA C 329 18.61 -55.46 2.09
N PRO C 330 19.61 -54.75 1.51
CA PRO C 330 19.49 -53.74 0.46
C PRO C 330 19.41 -54.34 -0.94
N CYS C 331 18.54 -53.80 -1.79
CA CYS C 331 18.32 -54.34 -3.12
C CYS C 331 17.97 -53.23 -4.10
N LYS C 332 18.09 -53.54 -5.40
CA LYS C 332 17.74 -52.61 -6.47
C LYS C 332 16.25 -52.63 -6.74
N ILE C 333 15.67 -51.44 -6.87
CA ILE C 333 14.24 -51.29 -7.12
C ILE C 333 13.97 -51.47 -8.60
N PRO C 334 13.19 -52.47 -9.01
CA PRO C 334 12.84 -52.60 -10.43
C PRO C 334 11.94 -51.46 -10.86
N PHE C 335 12.35 -50.76 -11.93
CA PHE C 335 11.63 -49.59 -12.40
C PHE C 335 11.53 -49.67 -13.92
N SER C 336 10.31 -49.57 -14.43
CA SER C 336 10.07 -49.65 -15.87
C SER C 336 8.78 -48.91 -16.20
N THR C 337 8.74 -48.35 -17.40
CA THR C 337 7.59 -47.56 -17.83
C THR C 337 6.81 -48.26 -18.93
N GLY C 347 10.34 -42.15 -21.20
CA GLY C 347 10.29 -42.27 -19.76
C GLY C 347 11.63 -42.63 -19.15
N ARG C 348 12.12 -41.77 -18.26
CA ARG C 348 13.42 -41.95 -17.64
C ARG C 348 13.32 -41.67 -16.15
N LEU C 349 14.41 -41.92 -15.44
CA LEU C 349 14.50 -41.66 -14.02
C LEU C 349 15.28 -40.36 -13.80
N ILE C 350 14.80 -39.54 -12.87
CA ILE C 350 15.62 -38.45 -12.39
C ILE C 350 16.60 -38.95 -11.34
N THR C 351 16.08 -39.69 -10.36
CA THR C 351 16.90 -40.30 -9.32
C THR C 351 17.63 -41.52 -9.87
N ALA C 352 18.94 -41.55 -9.73
CA ALA C 352 19.75 -42.63 -10.28
C ALA C 352 19.86 -43.78 -9.29
N ASN C 353 19.65 -45.01 -9.80
CA ASN C 353 19.76 -46.26 -9.06
C ASN C 353 18.96 -46.24 -7.77
N PRO C 354 17.62 -46.22 -7.85
CA PRO C 354 16.81 -46.26 -6.62
C PRO C 354 16.98 -47.61 -5.93
N VAL C 355 17.25 -47.58 -4.63
CA VAL C 355 17.51 -48.78 -3.85
C VAL C 355 16.75 -48.68 -2.52
N VAL C 356 16.47 -49.85 -1.96
CA VAL C 356 15.91 -49.96 -0.62
C VAL C 356 17.05 -50.23 0.35
N THR C 357 17.13 -49.44 1.42
CA THR C 357 18.16 -49.62 2.43
C THR C 357 17.65 -50.39 3.64
N LYS C 358 16.45 -50.07 4.13
CA LYS C 358 15.82 -50.80 5.21
C LYS C 358 14.35 -51.02 4.87
N LYS C 359 13.83 -52.19 5.25
CA LYS C 359 12.45 -52.53 4.94
C LYS C 359 11.47 -51.52 5.52
N GLU C 360 11.74 -51.06 6.75
CA GLU C 360 10.82 -50.16 7.43
C GLU C 360 10.88 -48.73 6.91
N GLU C 361 11.96 -48.36 6.24
CA GLU C 361 12.13 -46.98 5.77
C GLU C 361 11.63 -46.85 4.34
N PRO C 362 10.70 -45.96 4.05
CA PRO C 362 10.23 -45.78 2.67
C PRO C 362 11.33 -45.20 1.79
N VAL C 363 11.08 -45.25 0.49
CA VAL C 363 11.99 -44.77 -0.53
C VAL C 363 11.28 -43.75 -1.41
N ASN C 364 11.96 -42.64 -1.69
CA ASN C 364 11.45 -41.60 -2.58
C ASN C 364 12.17 -41.70 -3.91
N ILE C 365 11.40 -41.67 -5.00
CA ILE C 365 11.94 -41.74 -6.36
C ILE C 365 11.38 -40.57 -7.15
N GLU C 366 12.24 -39.85 -7.84
CA GLU C 366 11.82 -38.82 -8.77
C GLU C 366 11.94 -39.37 -10.18
N ALA C 367 10.84 -39.35 -10.93
CA ALA C 367 10.84 -39.89 -12.28
C ALA C 367 10.30 -38.85 -13.25
N GLU C 368 10.71 -38.98 -14.51
CA GLU C 368 10.27 -38.11 -15.60
C GLU C 368 9.42 -38.91 -16.57
N PRO C 369 8.11 -38.97 -16.38
CA PRO C 369 7.27 -39.77 -17.27
C PRO C 369 7.09 -39.05 -18.61
N PRO C 370 6.84 -39.79 -19.68
CA PRO C 370 6.63 -39.16 -20.98
C PRO C 370 5.27 -38.46 -21.03
N PHE C 371 5.14 -37.55 -21.98
CA PHE C 371 3.88 -36.86 -22.16
C PHE C 371 2.79 -37.84 -22.57
N GLY C 372 1.59 -37.65 -22.04
CA GLY C 372 0.48 -38.53 -22.29
C GLY C 372 0.32 -39.58 -21.21
N GLU C 373 -0.37 -40.65 -21.58
CA GLU C 373 -0.61 -41.75 -20.65
C GLU C 373 0.58 -42.71 -20.63
N SER C 374 0.97 -43.12 -19.43
CA SER C 374 2.07 -44.05 -19.23
C SER C 374 1.81 -44.85 -17.97
N ASN C 375 2.40 -46.05 -17.90
CA ASN C 375 2.22 -46.96 -16.78
C ASN C 375 3.55 -47.15 -16.09
N ILE C 376 3.62 -46.77 -14.82
CA ILE C 376 4.82 -46.89 -14.01
C ILE C 376 4.77 -48.22 -13.26
N VAL C 377 5.71 -49.11 -13.57
CA VAL C 377 5.80 -50.43 -12.93
C VAL C 377 6.98 -50.44 -11.99
N ILE C 378 6.72 -50.57 -10.70
CA ILE C 378 7.75 -50.63 -9.67
C ILE C 378 7.70 -52.01 -9.03
N GLY C 379 8.81 -52.73 -9.08
CA GLY C 379 8.87 -54.09 -8.62
C GLY C 379 8.91 -55.06 -9.78
N ILE C 380 9.00 -56.35 -9.44
CA ILE C 380 9.15 -57.36 -10.47
C ILE C 380 8.10 -58.44 -10.30
N GLY C 381 7.65 -58.98 -11.42
CA GLY C 381 6.71 -60.09 -11.42
C GLY C 381 5.27 -59.61 -11.56
N ASP C 382 4.37 -60.53 -11.23
CA ASP C 382 2.93 -60.23 -11.32
C ASP C 382 2.53 -59.25 -10.24
N LYS C 383 3.09 -59.40 -9.06
CA LYS C 383 2.89 -58.64 -7.85
C LYS C 383 3.54 -57.24 -7.90
N ALA C 384 3.94 -56.80 -9.09
CA ALA C 384 4.56 -55.48 -9.24
C ALA C 384 3.51 -54.38 -9.17
N LEU C 385 3.94 -53.22 -8.70
CA LEU C 385 3.09 -52.05 -8.55
C LEU C 385 2.88 -51.35 -9.89
N LYS C 386 1.62 -51.11 -10.24
CA LYS C 386 1.26 -50.45 -11.49
C LYS C 386 0.55 -49.14 -11.17
N ILE C 387 1.19 -48.02 -11.52
CA ILE C 387 0.66 -46.68 -11.29
C ILE C 387 0.42 -46.04 -12.66
N ASN C 388 -0.85 -45.85 -13.02
CA ASN C 388 -1.17 -45.15 -14.26
C ASN C 388 -1.02 -43.64 -14.06
N TRP C 389 -0.48 -42.98 -15.07
CA TRP C 389 -0.22 -41.54 -14.97
C TRP C 389 -0.46 -40.89 -16.32
N TYR C 390 -0.93 -39.64 -16.28
CA TYR C 390 -1.15 -38.83 -17.47
C TYR C 390 -0.40 -37.51 -17.32
N ARG C 391 0.46 -37.19 -18.29
CA ARG C 391 1.23 -35.95 -18.30
C ARG C 391 0.68 -35.00 -19.35
N LYS C 392 0.32 -33.79 -18.92
CA LYS C 392 -0.24 -32.78 -19.80
C LYS C 392 0.85 -31.89 -20.36
N GLY C 393 0.82 -31.68 -21.70
CA GLY C 393 1.79 -30.82 -22.35
C GLY C 393 1.33 -29.37 -22.40
N PHE C 394 2.27 -28.50 -22.75
CA PHE C 394 2.03 -27.05 -22.81
C PHE C 394 1.50 -26.52 -21.48
#